data_3G1C
# 
_entry.id   3G1C 
# 
_audit_conform.dict_name       mmcif_pdbx.dic 
_audit_conform.dict_version    5.387 
_audit_conform.dict_location   http://mmcif.pdb.org/dictionaries/ascii/mmcif_pdbx.dic 
# 
loop_
_database_2.database_id 
_database_2.database_code 
_database_2.pdbx_database_accession 
_database_2.pdbx_DOI 
PDB   3G1C         pdb_00003g1c 10.2210/pdb3g1c/pdb 
RCSB  RCSB051298   ?            ?                   
WWPDB D_1000051298 ?            ?                   
# 
loop_
_pdbx_audit_revision_history.ordinal 
_pdbx_audit_revision_history.data_content_type 
_pdbx_audit_revision_history.major_revision 
_pdbx_audit_revision_history.minor_revision 
_pdbx_audit_revision_history.revision_date 
1 'Structure model' 1 0 2009-02-17 
2 'Structure model' 1 1 2011-07-13 
3 'Structure model' 1 2 2024-02-21 
# 
_pdbx_audit_revision_details.ordinal             1 
_pdbx_audit_revision_details.revision_ordinal    1 
_pdbx_audit_revision_details.data_content_type   'Structure model' 
_pdbx_audit_revision_details.provider            repository 
_pdbx_audit_revision_details.type                'Initial release' 
_pdbx_audit_revision_details.description         ? 
_pdbx_audit_revision_details.details             ? 
# 
loop_
_pdbx_audit_revision_group.ordinal 
_pdbx_audit_revision_group.revision_ordinal 
_pdbx_audit_revision_group.data_content_type 
_pdbx_audit_revision_group.group 
1 2 'Structure model' 'Source and taxonomy'       
2 2 'Structure model' 'Version format compliance' 
3 3 'Structure model' 'Data collection'           
4 3 'Structure model' 'Database references'       
5 3 'Structure model' 'Derived calculations'      
# 
loop_
_pdbx_audit_revision_category.ordinal 
_pdbx_audit_revision_category.revision_ordinal 
_pdbx_audit_revision_category.data_content_type 
_pdbx_audit_revision_category.category 
1 3 'Structure model' chem_comp_atom 
2 3 'Structure model' chem_comp_bond 
3 3 'Structure model' database_2     
4 3 'Structure model' struct_site    
# 
loop_
_pdbx_audit_revision_item.ordinal 
_pdbx_audit_revision_item.revision_ordinal 
_pdbx_audit_revision_item.data_content_type 
_pdbx_audit_revision_item.item 
1 3 'Structure model' '_database_2.pdbx_DOI'                
2 3 'Structure model' '_database_2.pdbx_database_accession' 
3 3 'Structure model' '_struct_site.pdbx_auth_asym_id'      
4 3 'Structure model' '_struct_site.pdbx_auth_comp_id'      
5 3 'Structure model' '_struct_site.pdbx_auth_seq_id'       
# 
_pdbx_database_status.status_code                     REL 
_pdbx_database_status.entry_id                        3G1C 
_pdbx_database_status.recvd_initial_deposition_date   2009-01-29 
_pdbx_database_status.deposit_site                    RCSB 
_pdbx_database_status.process_site                    RCSB 
_pdbx_database_status.status_code_sf                  REL 
_pdbx_database_status.status_code_mr                  ? 
_pdbx_database_status.SG_entry                        Y 
_pdbx_database_status.pdb_format_compatible           Y 
_pdbx_database_status.status_code_cs                  ? 
_pdbx_database_status.status_code_nmr_data            ? 
_pdbx_database_status.methods_development_category    ? 
# 
_pdbx_database_related.db_name        TargetDB 
_pdbx_database_related.db_id          APC21086 
_pdbx_database_related.details        . 
_pdbx_database_related.content_type   unspecified 
# 
loop_
_audit_author.name 
_audit_author.pdbx_ordinal 
'Zhang, R.'                                     1 
'Hendricks, R.'                                 2 
'Freeman, L.'                                   3 
'Babnigg, G.'                                   4 
'Joachimiak, A.'                                5 
'Midwest Center for Structural Genomics (MCSG)' 6 
# 
_citation.id                        primary 
_citation.title                     'The crystal structure of a TrpR like protein from Eubacterium eligens ATCC 27750' 
_citation.journal_abbrev            'To be Published' 
_citation.journal_volume            ? 
_citation.page_first                ? 
_citation.page_last                 ? 
_citation.year                      ? 
_citation.journal_id_ASTM           ? 
_citation.country                   ? 
_citation.journal_id_ISSN           ? 
_citation.journal_id_CSD            0353 
_citation.book_publisher            ? 
_citation.pdbx_database_id_PubMed   ? 
_citation.pdbx_database_id_DOI      ? 
# 
loop_
_citation_author.citation_id 
_citation_author.name 
_citation_author.ordinal 
_citation_author.identifier_ORCID 
primary 'Zhang, R.'      1 ? 
primary 'Hendricks, R.'  2 ? 
primary 'Freeman, L.'    3 ? 
primary 'Babnigg, G.'    4 ? 
primary 'Joachimiak, A.' 5 ? 
# 
loop_
_entity.id 
_entity.type 
_entity.src_method 
_entity.pdbx_description 
_entity.formula_weight 
_entity.pdbx_number_of_molecules 
_entity.pdbx_ec 
_entity.pdbx_mutation 
_entity.pdbx_fragment 
_entity.details 
1 polymer     man 'The TrpR like protein from Eubacterium eligens ATCC 27750' 12059.517 1  ? ? ? ? 
2 non-polymer syn 'MAGNESIUM ION'                                             24.305    3  ? ? ? ? 
3 water       nat water                                                       18.015    59 ? ? ? ? 
# 
_entity_poly.entity_id                      1 
_entity_poly.type                           'polypeptide(L)' 
_entity_poly.nstd_linkage                   no 
_entity_poly.nstd_monomer                   no 
_entity_poly.pdbx_seq_one_letter_code       
;MNNKLKTQAVEQLFQAILSLKDLDEAYDFFEDVCTINEILSLSQRFEVAKMLREHRTYLDIAEKTGASTATISRVNRSLN
YGNDGYDRVFERLGMLEKESEDNK
;
_entity_poly.pdbx_seq_one_letter_code_can   
;MNNKLKTQAVEQLFQAILSLKDLDEAYDFFEDVCTINEILSLSQRFEVAKMLREHRTYLDIAEKTGASTATISRVNRSLN
YGNDGYDRVFERLGMLEKESEDNK
;
_entity_poly.pdbx_strand_id                 A 
_entity_poly.pdbx_target_identifier         APC21086 
# 
loop_
_pdbx_entity_nonpoly.entity_id 
_pdbx_entity_nonpoly.name 
_pdbx_entity_nonpoly.comp_id 
2 'MAGNESIUM ION' MG  
3 water           HOH 
# 
loop_
_entity_poly_seq.entity_id 
_entity_poly_seq.num 
_entity_poly_seq.mon_id 
_entity_poly_seq.hetero 
1 1   MET n 
1 2   ASN n 
1 3   ASN n 
1 4   LYS n 
1 5   LEU n 
1 6   LYS n 
1 7   THR n 
1 8   GLN n 
1 9   ALA n 
1 10  VAL n 
1 11  GLU n 
1 12  GLN n 
1 13  LEU n 
1 14  PHE n 
1 15  GLN n 
1 16  ALA n 
1 17  ILE n 
1 18  LEU n 
1 19  SER n 
1 20  LEU n 
1 21  LYS n 
1 22  ASP n 
1 23  LEU n 
1 24  ASP n 
1 25  GLU n 
1 26  ALA n 
1 27  TYR n 
1 28  ASP n 
1 29  PHE n 
1 30  PHE n 
1 31  GLU n 
1 32  ASP n 
1 33  VAL n 
1 34  CYS n 
1 35  THR n 
1 36  ILE n 
1 37  ASN n 
1 38  GLU n 
1 39  ILE n 
1 40  LEU n 
1 41  SER n 
1 42  LEU n 
1 43  SER n 
1 44  GLN n 
1 45  ARG n 
1 46  PHE n 
1 47  GLU n 
1 48  VAL n 
1 49  ALA n 
1 50  LYS n 
1 51  MET n 
1 52  LEU n 
1 53  ARG n 
1 54  GLU n 
1 55  HIS n 
1 56  ARG n 
1 57  THR n 
1 58  TYR n 
1 59  LEU n 
1 60  ASP n 
1 61  ILE n 
1 62  ALA n 
1 63  GLU n 
1 64  LYS n 
1 65  THR n 
1 66  GLY n 
1 67  ALA n 
1 68  SER n 
1 69  THR n 
1 70  ALA n 
1 71  THR n 
1 72  ILE n 
1 73  SER n 
1 74  ARG n 
1 75  VAL n 
1 76  ASN n 
1 77  ARG n 
1 78  SER n 
1 79  LEU n 
1 80  ASN n 
1 81  TYR n 
1 82  GLY n 
1 83  ASN n 
1 84  ASP n 
1 85  GLY n 
1 86  TYR n 
1 87  ASP n 
1 88  ARG n 
1 89  VAL n 
1 90  PHE n 
1 91  GLU n 
1 92  ARG n 
1 93  LEU n 
1 94  GLY n 
1 95  MET n 
1 96  LEU n 
1 97  GLU n 
1 98  LYS n 
1 99  GLU n 
1 100 SER n 
1 101 GLU n 
1 102 ASP n 
1 103 ASN n 
1 104 LYS n 
# 
_entity_src_gen.entity_id                          1 
_entity_src_gen.pdbx_src_id                        1 
_entity_src_gen.pdbx_alt_source_flag               sample 
_entity_src_gen.pdbx_seq_type                      ? 
_entity_src_gen.pdbx_beg_seq_num                   ? 
_entity_src_gen.pdbx_end_seq_num                   ? 
_entity_src_gen.gene_src_common_name               ? 
_entity_src_gen.gene_src_genus                     ? 
_entity_src_gen.pdbx_gene_src_gene                 ? 
_entity_src_gen.gene_src_species                   ? 
_entity_src_gen.gene_src_strain                    'ATCC 27750' 
_entity_src_gen.gene_src_tissue                    ? 
_entity_src_gen.gene_src_tissue_fraction           ? 
_entity_src_gen.gene_src_details                   ? 
_entity_src_gen.pdbx_gene_src_fragment             ? 
_entity_src_gen.pdbx_gene_src_scientific_name      'Eubacterium eligens' 
_entity_src_gen.pdbx_gene_src_ncbi_taxonomy_id     515620 
_entity_src_gen.pdbx_gene_src_variant              ? 
_entity_src_gen.pdbx_gene_src_cell_line            ? 
_entity_src_gen.pdbx_gene_src_atcc                 ? 
_entity_src_gen.pdbx_gene_src_organ                ? 
_entity_src_gen.pdbx_gene_src_organelle            ? 
_entity_src_gen.pdbx_gene_src_cell                 ? 
_entity_src_gen.pdbx_gene_src_cellular_location    ? 
_entity_src_gen.host_org_common_name               ? 
_entity_src_gen.pdbx_host_org_scientific_name      'Escherichia coli' 
_entity_src_gen.pdbx_host_org_ncbi_taxonomy_id     562 
_entity_src_gen.host_org_genus                     ? 
_entity_src_gen.pdbx_host_org_gene                 ? 
_entity_src_gen.pdbx_host_org_organ                ? 
_entity_src_gen.host_org_species                   ? 
_entity_src_gen.pdbx_host_org_tissue               ? 
_entity_src_gen.pdbx_host_org_tissue_fraction      ? 
_entity_src_gen.pdbx_host_org_strain               BL21 
_entity_src_gen.pdbx_host_org_variant              ? 
_entity_src_gen.pdbx_host_org_cell_line            ? 
_entity_src_gen.pdbx_host_org_atcc                 ? 
_entity_src_gen.pdbx_host_org_culture_collection   ? 
_entity_src_gen.pdbx_host_org_cell                 ? 
_entity_src_gen.pdbx_host_org_organelle            ? 
_entity_src_gen.pdbx_host_org_cellular_location    ? 
_entity_src_gen.pdbx_host_org_vector_type          plasmid 
_entity_src_gen.pdbx_host_org_vector               ? 
_entity_src_gen.host_org_details                   ? 
_entity_src_gen.expression_system_id               ? 
_entity_src_gen.plasmid_name                       pMCSG19 
_entity_src_gen.plasmid_details                    ? 
_entity_src_gen.pdbx_description                   ? 
# 
loop_
_chem_comp.id 
_chem_comp.type 
_chem_comp.mon_nstd_flag 
_chem_comp.name 
_chem_comp.pdbx_synonyms 
_chem_comp.formula 
_chem_comp.formula_weight 
ALA 'L-peptide linking' y ALANINE         ? 'C3 H7 N O2'     89.093  
ARG 'L-peptide linking' y ARGININE        ? 'C6 H15 N4 O2 1' 175.209 
ASN 'L-peptide linking' y ASPARAGINE      ? 'C4 H8 N2 O3'    132.118 
ASP 'L-peptide linking' y 'ASPARTIC ACID' ? 'C4 H7 N O4'     133.103 
CYS 'L-peptide linking' y CYSTEINE        ? 'C3 H7 N O2 S'   121.158 
GLN 'L-peptide linking' y GLUTAMINE       ? 'C5 H10 N2 O3'   146.144 
GLU 'L-peptide linking' y 'GLUTAMIC ACID' ? 'C5 H9 N O4'     147.129 
GLY 'peptide linking'   y GLYCINE         ? 'C2 H5 N O2'     75.067  
HIS 'L-peptide linking' y HISTIDINE       ? 'C6 H10 N3 O2 1' 156.162 
HOH non-polymer         . WATER           ? 'H2 O'           18.015  
ILE 'L-peptide linking' y ISOLEUCINE      ? 'C6 H13 N O2'    131.173 
LEU 'L-peptide linking' y LEUCINE         ? 'C6 H13 N O2'    131.173 
LYS 'L-peptide linking' y LYSINE          ? 'C6 H15 N2 O2 1' 147.195 
MET 'L-peptide linking' y METHIONINE      ? 'C5 H11 N O2 S'  149.211 
MG  non-polymer         . 'MAGNESIUM ION' ? 'Mg 2'           24.305  
PHE 'L-peptide linking' y PHENYLALANINE   ? 'C9 H11 N O2'    165.189 
SER 'L-peptide linking' y SERINE          ? 'C3 H7 N O3'     105.093 
THR 'L-peptide linking' y THREONINE       ? 'C4 H9 N O3'     119.119 
TYR 'L-peptide linking' y TYROSINE        ? 'C9 H11 N O3'    181.189 
VAL 'L-peptide linking' y VALINE          ? 'C5 H11 N O2'    117.146 
# 
loop_
_pdbx_poly_seq_scheme.asym_id 
_pdbx_poly_seq_scheme.entity_id 
_pdbx_poly_seq_scheme.seq_id 
_pdbx_poly_seq_scheme.mon_id 
_pdbx_poly_seq_scheme.ndb_seq_num 
_pdbx_poly_seq_scheme.pdb_seq_num 
_pdbx_poly_seq_scheme.auth_seq_num 
_pdbx_poly_seq_scheme.pdb_mon_id 
_pdbx_poly_seq_scheme.auth_mon_id 
_pdbx_poly_seq_scheme.pdb_strand_id 
_pdbx_poly_seq_scheme.pdb_ins_code 
_pdbx_poly_seq_scheme.hetero 
A 1 1   MET 1   1   ?  ?   ?   A . n 
A 1 2   ASN 2   2   2  ASN ASN A . n 
A 1 3   ASN 3   3   3  ASN ASN A . n 
A 1 4   LYS 4   4   4  LYS LYS A . n 
A 1 5   LEU 5   5   5  LEU LEU A . n 
A 1 6   LYS 6   6   6  LYS LYS A . n 
A 1 7   THR 7   7   7  THR THR A . n 
A 1 8   GLN 8   8   8  GLN GLN A . n 
A 1 9   ALA 9   9   9  ALA ALA A . n 
A 1 10  VAL 10  10  10 VAL VAL A . n 
A 1 11  GLU 11  11  11 GLU GLU A . n 
A 1 12  GLN 12  12  12 GLN GLN A . n 
A 1 13  LEU 13  13  13 LEU LEU A . n 
A 1 14  PHE 14  14  14 PHE PHE A . n 
A 1 15  GLN 15  15  15 GLN GLN A . n 
A 1 16  ALA 16  16  16 ALA ALA A . n 
A 1 17  ILE 17  17  17 ILE ILE A . n 
A 1 18  LEU 18  18  18 LEU LEU A . n 
A 1 19  SER 19  19  19 SER SER A . n 
A 1 20  LEU 20  20  20 LEU LEU A . n 
A 1 21  LYS 21  21  21 LYS LYS A . n 
A 1 22  ASP 22  22  22 ASP ASP A . n 
A 1 23  LEU 23  23  23 LEU LEU A . n 
A 1 24  ASP 24  24  24 ASP ASP A . n 
A 1 25  GLU 25  25  25 GLU GLU A . n 
A 1 26  ALA 26  26  26 ALA ALA A . n 
A 1 27  TYR 27  27  27 TYR TYR A . n 
A 1 28  ASP 28  28  28 ASP ASP A . n 
A 1 29  PHE 29  29  29 PHE PHE A . n 
A 1 30  PHE 30  30  30 PHE PHE A . n 
A 1 31  GLU 31  31  31 GLU GLU A . n 
A 1 32  ASP 32  32  32 ASP ASP A . n 
A 1 33  VAL 33  33  33 VAL VAL A . n 
A 1 34  CYS 34  34  34 CYS CYS A . n 
A 1 35  THR 35  35  35 THR THR A . n 
A 1 36  ILE 36  36  36 ILE ILE A . n 
A 1 37  ASN 37  37  37 ASN ASN A . n 
A 1 38  GLU 38  38  38 GLU GLU A . n 
A 1 39  ILE 39  39  39 ILE ILE A . n 
A 1 40  LEU 40  40  40 LEU LEU A . n 
A 1 41  SER 41  41  41 SER SER A . n 
A 1 42  LEU 42  42  42 LEU LEU A . n 
A 1 43  SER 43  43  43 SER SER A . n 
A 1 44  GLN 44  44  44 GLN GLN A . n 
A 1 45  ARG 45  45  45 ARG ARG A . n 
A 1 46  PHE 46  46  46 PHE PHE A . n 
A 1 47  GLU 47  47  47 GLU GLU A . n 
A 1 48  VAL 48  48  48 VAL VAL A . n 
A 1 49  ALA 49  49  49 ALA ALA A . n 
A 1 50  LYS 50  50  50 LYS LYS A . n 
A 1 51  MET 51  51  51 MET MET A . n 
A 1 52  LEU 52  52  52 LEU LEU A . n 
A 1 53  ARG 53  53  53 ARG ARG A . n 
A 1 54  GLU 54  54  54 GLU GLU A . n 
A 1 55  HIS 55  55  55 HIS HIS A . n 
A 1 56  ARG 56  56  56 ARG ARG A . n 
A 1 57  THR 57  57  57 THR THR A . n 
A 1 58  TYR 58  58  58 TYR TYR A . n 
A 1 59  LEU 59  59  59 LEU LEU A . n 
A 1 60  ASP 60  60  60 ASP ASP A . n 
A 1 61  ILE 61  61  61 ILE ILE A . n 
A 1 62  ALA 62  62  62 ALA ALA A . n 
A 1 63  GLU 63  63  63 GLU GLU A . n 
A 1 64  LYS 64  64  64 LYS LYS A . n 
A 1 65  THR 65  65  65 THR THR A . n 
A 1 66  GLY 66  66  66 GLY GLY A . n 
A 1 67  ALA 67  67  67 ALA ALA A . n 
A 1 68  SER 68  68  68 SER SER A . n 
A 1 69  THR 69  69  69 THR THR A . n 
A 1 70  ALA 70  70  70 ALA ALA A . n 
A 1 71  THR 71  71  71 THR THR A . n 
A 1 72  ILE 72  72  72 ILE ILE A . n 
A 1 73  SER 73  73  73 SER SER A . n 
A 1 74  ARG 74  74  74 ARG ARG A . n 
A 1 75  VAL 75  75  75 VAL VAL A . n 
A 1 76  ASN 76  76  76 ASN ASN A . n 
A 1 77  ARG 77  77  77 ARG ARG A . n 
A 1 78  SER 78  78  78 SER SER A . n 
A 1 79  LEU 79  79  79 LEU LEU A . n 
A 1 80  ASN 80  80  80 ASN ASN A . n 
A 1 81  TYR 81  81  81 TYR TYR A . n 
A 1 82  GLY 82  82  82 GLY GLY A . n 
A 1 83  ASN 83  83  83 ASN ASN A . n 
A 1 84  ASP 84  84  84 ASP ASP A . n 
A 1 85  GLY 85  85  85 GLY GLY A . n 
A 1 86  TYR 86  86  86 TYR TYR A . n 
A 1 87  ASP 87  87  87 ASP ASP A . n 
A 1 88  ARG 88  88  88 ARG ARG A . n 
A 1 89  VAL 89  89  89 VAL VAL A . n 
A 1 90  PHE 90  90  90 PHE PHE A . n 
A 1 91  GLU 91  91  91 GLU GLU A . n 
A 1 92  ARG 92  92  92 ARG ARG A . n 
A 1 93  LEU 93  93  93 LEU LEU A . n 
A 1 94  GLY 94  94  94 GLY GLY A . n 
A 1 95  MET 95  95  95 MET MET A . n 
A 1 96  LEU 96  96  96 LEU LEU A . n 
A 1 97  GLU 97  97  97 GLU GLU A . n 
A 1 98  LYS 98  98  98 LYS LYS A . n 
A 1 99  GLU 99  99  ?  ?   ?   A . n 
A 1 100 SER 100 100 ?  ?   ?   A . n 
A 1 101 GLU 101 101 ?  ?   ?   A . n 
A 1 102 ASP 102 102 ?  ?   ?   A . n 
A 1 103 ASN 103 103 ?  ?   ?   A . n 
A 1 104 LYS 104 104 ?  ?   ?   A . n 
# 
loop_
_pdbx_nonpoly_scheme.asym_id 
_pdbx_nonpoly_scheme.entity_id 
_pdbx_nonpoly_scheme.mon_id 
_pdbx_nonpoly_scheme.ndb_seq_num 
_pdbx_nonpoly_scheme.pdb_seq_num 
_pdbx_nonpoly_scheme.auth_seq_num 
_pdbx_nonpoly_scheme.pdb_mon_id 
_pdbx_nonpoly_scheme.auth_mon_id 
_pdbx_nonpoly_scheme.pdb_strand_id 
_pdbx_nonpoly_scheme.pdb_ins_code 
B 2 MG  1  105 1  MG  MG  A . 
C 2 MG  1  106 1  MG  MG  A . 
D 2 MG  1  107 1  MG  MG  A . 
E 3 HOH 1  108 2  HOH HOH A . 
E 3 HOH 2  109 4  HOH HOH A . 
E 3 HOH 3  110 6  HOH HOH A . 
E 3 HOH 4  111 7  HOH HOH A . 
E 3 HOH 5  112 9  HOH HOH A . 
E 3 HOH 6  113 10 HOH HOH A . 
E 3 HOH 7  114 11 HOH HOH A . 
E 3 HOH 8  115 12 HOH HOH A . 
E 3 HOH 9  116 13 HOH HOH A . 
E 3 HOH 10 117 14 HOH HOH A . 
E 3 HOH 11 118 15 HOH HOH A . 
E 3 HOH 12 119 18 HOH HOH A . 
E 3 HOH 13 120 20 HOH HOH A . 
E 3 HOH 14 121 21 HOH HOH A . 
E 3 HOH 15 122 22 HOH HOH A . 
E 3 HOH 16 123 23 HOH HOH A . 
E 3 HOH 17 124 24 HOH HOH A . 
E 3 HOH 18 125 26 HOH HOH A . 
E 3 HOH 19 126 28 HOH HOH A . 
E 3 HOH 20 127 29 HOH HOH A . 
E 3 HOH 21 128 30 HOH HOH A . 
E 3 HOH 22 129 32 HOH HOH A . 
E 3 HOH 23 130 33 HOH HOH A . 
E 3 HOH 24 131 34 HOH HOH A . 
E 3 HOH 25 132 35 HOH HOH A . 
E 3 HOH 26 133 36 HOH HOH A . 
E 3 HOH 27 134 37 HOH HOH A . 
E 3 HOH 28 135 38 HOH HOH A . 
E 3 HOH 29 136 39 HOH HOH A . 
E 3 HOH 30 137 40 HOH HOH A . 
E 3 HOH 31 138 41 HOH HOH A . 
E 3 HOH 32 139 42 HOH HOH A . 
E 3 HOH 33 140 43 HOH HOH A . 
E 3 HOH 34 141 44 HOH HOH A . 
E 3 HOH 35 142 45 HOH HOH A . 
E 3 HOH 36 143 46 HOH HOH A . 
E 3 HOH 37 144 47 HOH HOH A . 
E 3 HOH 38 145 48 HOH HOH A . 
E 3 HOH 39 146 49 HOH HOH A . 
E 3 HOH 40 147 50 HOH HOH A . 
E 3 HOH 41 148 51 HOH HOH A . 
E 3 HOH 42 149 52 HOH HOH A . 
E 3 HOH 43 150 53 HOH HOH A . 
E 3 HOH 44 151 54 HOH HOH A . 
E 3 HOH 45 152 55 HOH HOH A . 
E 3 HOH 46 153 56 HOH HOH A . 
E 3 HOH 47 154 57 HOH HOH A . 
E 3 HOH 48 155 58 HOH HOH A . 
E 3 HOH 49 156 60 HOH HOH A . 
E 3 HOH 50 157 61 HOH HOH A . 
E 3 HOH 51 158 62 HOH HOH A . 
E 3 HOH 52 159 63 HOH HOH A . 
E 3 HOH 53 160 64 HOH HOH A . 
E 3 HOH 54 161 65 HOH HOH A . 
E 3 HOH 55 162 66 HOH HOH A . 
E 3 HOH 56 163 67 HOH HOH A . 
E 3 HOH 57 164 68 HOH HOH A . 
E 3 HOH 58 165 69 HOH HOH A . 
E 3 HOH 59 166 70 HOH HOH A . 
# 
loop_
_software.name 
_software.classification 
_software.version 
_software.citation_id 
_software.pdbx_ordinal 
SBC-Collect 'data collection' .        ? 1 
HKL-3000    phasing           .        ? 2 
REFMAC      refinement        5.5.0054 ? 3 
HKL-3000    'data reduction'  .        ? 4 
HKL-3000    'data scaling'    .        ? 5 
# 
_cell.entry_id           3G1C 
_cell.length_a           48.788 
_cell.length_b           48.788 
_cell.length_c           126.477 
_cell.angle_alpha        90.00 
_cell.angle_beta         90.00 
_cell.angle_gamma        90.00 
_cell.Z_PDB              8 
_cell.pdbx_unique_axis   ? 
_cell.length_a_esd       ? 
_cell.length_b_esd       ? 
_cell.length_c_esd       ? 
_cell.angle_alpha_esd    ? 
_cell.angle_beta_esd     ? 
_cell.angle_gamma_esd    ? 
# 
_symmetry.entry_id                         3G1C 
_symmetry.space_group_name_H-M             'P 41 21 2' 
_symmetry.pdbx_full_space_group_name_H-M   ? 
_symmetry.cell_setting                     ? 
_symmetry.Int_Tables_number                92 
_symmetry.space_group_name_Hall            ? 
# 
_exptl.entry_id          3G1C 
_exptl.method            'X-RAY DIFFRACTION' 
_exptl.crystals_number   1 
# 
_exptl_crystal.id                    1 
_exptl_crystal.density_meas          ? 
_exptl_crystal.density_Matthews      3.12 
_exptl_crystal.density_percent_sol   60.58 
_exptl_crystal.description           ? 
_exptl_crystal.F_000                 ? 
_exptl_crystal.preparation           ? 
# 
_exptl_crystal_grow.crystal_id      1 
_exptl_crystal_grow.method          'VAPOR DIFFUSION, SITTING DROP' 
_exptl_crystal_grow.temp            289 
_exptl_crystal_grow.temp_details    ? 
_exptl_crystal_grow.pH              7.5 
_exptl_crystal_grow.pdbx_details    
'0.1M HEPES pH7.5, 0.5M Magnesium formate dihydrate, VAPOR DIFFUSION, SITTING DROP, temperature 289K' 
_exptl_crystal_grow.pdbx_pH_range   ? 
# 
_diffrn.id                     1 
_diffrn.ambient_temp           100 
_diffrn.ambient_temp_details   ? 
_diffrn.crystal_id             1 
# 
_diffrn_detector.diffrn_id              1 
_diffrn_detector.detector               CCD 
_diffrn_detector.type                   'ADSC QUANTUM 315' 
_diffrn_detector.pdbx_collection_date   2008-07-03 
_diffrn_detector.details                mirrors 
# 
_diffrn_radiation.diffrn_id                        1 
_diffrn_radiation.wavelength_id                    1 
_diffrn_radiation.pdbx_monochromatic_or_laue_m_l   M 
_diffrn_radiation.monochromator                    'Si 111 channel' 
_diffrn_radiation.pdbx_diffrn_protocol             'SINGLE WAVELENGTH' 
_diffrn_radiation.pdbx_scattering_type             x-ray 
# 
_diffrn_radiation_wavelength.id           1 
_diffrn_radiation_wavelength.wavelength   0.9794 
_diffrn_radiation_wavelength.wt           1.0 
# 
_diffrn_source.diffrn_id                   1 
_diffrn_source.source                      SYNCHROTRON 
_diffrn_source.type                        'APS BEAMLINE 19-ID' 
_diffrn_source.pdbx_synchrotron_site       APS 
_diffrn_source.pdbx_synchrotron_beamline   19-ID 
_diffrn_source.pdbx_wavelength             ? 
_diffrn_source.pdbx_wavelength_list        0.9794 
# 
_reflns.entry_id                     3G1C 
_reflns.observed_criterion_sigma_I   2.0 
_reflns.observed_criterion_sigma_F   2.0 
_reflns.d_resolution_low             38.63 
_reflns.d_resolution_high            2.2 
_reflns.number_obs                   7885 
_reflns.number_all                   7945 
_reflns.percent_possible_obs         99.24 
_reflns.pdbx_Rmerge_I_obs            0.106 
_reflns.pdbx_Rsym_value              ? 
_reflns.pdbx_netI_over_sigmaI        31.34 
_reflns.B_iso_Wilson_estimate        41 
_reflns.pdbx_redundancy              15.4 
_reflns.R_free_details               ? 
_reflns.limit_h_max                  ? 
_reflns.limit_h_min                  ? 
_reflns.limit_k_max                  ? 
_reflns.limit_k_min                  ? 
_reflns.limit_l_max                  ? 
_reflns.limit_l_min                  ? 
_reflns.observed_criterion_F_max     ? 
_reflns.observed_criterion_F_min     ? 
_reflns.pdbx_chi_squared             ? 
_reflns.pdbx_scaling_rejects         ? 
_reflns.pdbx_ordinal                 1 
_reflns.pdbx_diffrn_id               1 
# 
_reflns_shell.d_res_high             2.2 
_reflns_shell.d_res_low              2.257 
_reflns_shell.percent_possible_all   94.44 
_reflns_shell.Rmerge_I_obs           0.548 
_reflns_shell.pdbx_Rsym_value        ? 
_reflns_shell.meanI_over_sigI_obs    1.28 
_reflns_shell.pdbx_redundancy        10.8 
_reflns_shell.percent_possible_obs   ? 
_reflns_shell.number_unique_all      594 
_reflns_shell.number_measured_all    ? 
_reflns_shell.number_measured_obs    ? 
_reflns_shell.number_unique_obs      ? 
_reflns_shell.pdbx_chi_squared       ? 
_reflns_shell.pdbx_ordinal           1 
_reflns_shell.pdbx_diffrn_id         1 
# 
_refine.entry_id                                 3G1C 
_refine.ls_number_reflns_obs                     7885 
_refine.ls_number_reflns_all                     7945 
_refine.pdbx_ls_sigma_I                          1.28 
_refine.pdbx_ls_sigma_F                          0 
_refine.pdbx_data_cutoff_high_absF               ? 
_refine.pdbx_data_cutoff_low_absF                ? 
_refine.pdbx_data_cutoff_high_rms_absF           ? 
_refine.ls_d_res_low                             38.63 
_refine.ls_d_res_high                            2.20 
_refine.ls_percent_reflns_obs                    99.24 
_refine.ls_R_factor_obs                          0.20632 
_refine.ls_R_factor_all                          ? 
_refine.ls_R_factor_R_work                       0.20484 
_refine.ls_R_factor_R_free                       0.23657 
_refine.ls_R_factor_R_free_error                 ? 
_refine.ls_R_factor_R_free_error_details         ? 
_refine.ls_percent_reflns_R_free                 4.6 
_refine.ls_number_reflns_R_free                  381 
_refine.ls_number_parameters                     ? 
_refine.ls_number_restraints                     ? 
_refine.occupancy_min                            ? 
_refine.occupancy_max                            ? 
_refine.correlation_coeff_Fo_to_Fc               0.954 
_refine.correlation_coeff_Fo_to_Fc_free          0.944 
_refine.B_iso_mean                               39.638 
_refine.aniso_B[1][1]                            1.72 
_refine.aniso_B[2][2]                            1.72 
_refine.aniso_B[3][3]                            -3.44 
_refine.aniso_B[1][2]                            0.00 
_refine.aniso_B[1][3]                            0.00 
_refine.aniso_B[2][3]                            0.00 
_refine.solvent_model_details                    MASK 
_refine.solvent_model_param_ksol                 ? 
_refine.solvent_model_param_bsol                 ? 
_refine.pdbx_solvent_vdw_probe_radii             1.20 
_refine.pdbx_solvent_ion_probe_radii             0.80 
_refine.pdbx_solvent_shrinkage_radii             0.80 
_refine.pdbx_ls_cross_valid_method               THROUGHOUT 
_refine.details                                  'HYDROGENS HAVE BEEN ADDED IN THE RIDING POSITIONS' 
_refine.pdbx_starting_model                      ? 
_refine.pdbx_method_to_determine_struct          SAD 
_refine.pdbx_isotropic_thermal_model             ? 
_refine.pdbx_stereochemistry_target_values       'MAXIMUM LIKELIHOOD WITH PHASES' 
_refine.pdbx_stereochem_target_val_spec_case     ? 
_refine.pdbx_R_Free_selection_details            RANDOM 
_refine.pdbx_overall_ESU_R                       0.200 
_refine.pdbx_overall_ESU_R_Free                  0.174 
_refine.overall_SU_ML                            0.135 
_refine.overall_SU_B                             5.544 
_refine.ls_redundancy_reflns_obs                 ? 
_refine.B_iso_min                                ? 
_refine.B_iso_max                                ? 
_refine.overall_SU_R_Cruickshank_DPI             ? 
_refine.overall_SU_R_free                        ? 
_refine.ls_wR_factor_R_free                      ? 
_refine.ls_wR_factor_R_work                      ? 
_refine.overall_FOM_free_R_set                   ? 
_refine.overall_FOM_work_R_set                   ? 
_refine.pdbx_overall_phase_error                 ? 
_refine.pdbx_refine_id                           'X-RAY DIFFRACTION' 
_refine.pdbx_diffrn_id                           1 
_refine.pdbx_TLS_residual_ADP_flag               ? 
_refine.pdbx_overall_SU_R_free_Cruickshank_DPI   ? 
_refine.pdbx_overall_SU_R_Blow_DPI               ? 
_refine.pdbx_overall_SU_R_free_Blow_DPI          ? 
# 
_refine_hist.pdbx_refine_id                   'X-RAY DIFFRACTION' 
_refine_hist.cycle_id                         LAST 
_refine_hist.pdbx_number_atoms_protein        787 
_refine_hist.pdbx_number_atoms_nucleic_acid   0 
_refine_hist.pdbx_number_atoms_ligand         3 
_refine_hist.number_atoms_solvent             59 
_refine_hist.number_atoms_total               849 
_refine_hist.d_res_high                       2.20 
_refine_hist.d_res_low                        38.63 
# 
loop_
_refine_ls_restr.type 
_refine_ls_restr.dev_ideal 
_refine_ls_restr.dev_ideal_target 
_refine_ls_restr.weight 
_refine_ls_restr.number 
_refine_ls_restr.pdbx_refine_id 
_refine_ls_restr.pdbx_restraint_function 
r_bond_refined_d       0.022  0.022  ? 796  'X-RAY DIFFRACTION' ? 
r_bond_other_d         0.001  0.020  ? 547  'X-RAY DIFFRACTION' ? 
r_angle_refined_deg    1.600  1.965  ? 1069 'X-RAY DIFFRACTION' ? 
r_angle_other_deg      0.901  3.000  ? 1327 'X-RAY DIFFRACTION' ? 
r_dihedral_angle_1_deg 5.673  5.000  ? 96   'X-RAY DIFFRACTION' ? 
r_dihedral_angle_2_deg 37.954 24.419 ? 43   'X-RAY DIFFRACTION' ? 
r_dihedral_angle_3_deg 16.496 15.000 ? 152  'X-RAY DIFFRACTION' ? 
r_dihedral_angle_4_deg 23.461 15.000 ? 7    'X-RAY DIFFRACTION' ? 
r_chiral_restr         0.103  0.200  ? 121  'X-RAY DIFFRACTION' ? 
r_gen_planes_refined   0.008  0.020  ? 884  'X-RAY DIFFRACTION' ? 
r_gen_planes_other     0.001  0.020  ? 167  'X-RAY DIFFRACTION' ? 
r_mcbond_it            1.099  1.500  ? 480  'X-RAY DIFFRACTION' ? 
r_mcbond_other         0.253  1.500  ? 197  'X-RAY DIFFRACTION' ? 
r_mcangle_it           2.186  2.000  ? 770  'X-RAY DIFFRACTION' ? 
r_scbond_it            3.336  3.000  ? 316  'X-RAY DIFFRACTION' ? 
r_scangle_it           5.608  4.500  ? 299  'X-RAY DIFFRACTION' ? 
# 
_refine_ls_shell.pdbx_total_number_of_bins_used   20 
_refine_ls_shell.d_res_high                       2.200 
_refine_ls_shell.d_res_low                        2.257 
_refine_ls_shell.number_reflns_R_work             532 
_refine_ls_shell.R_factor_R_work                  0.245 
_refine_ls_shell.percent_reflns_obs               94.44 
_refine_ls_shell.R_factor_R_free                  0.296 
_refine_ls_shell.R_factor_R_free_error            ? 
_refine_ls_shell.percent_reflns_R_free            ? 
_refine_ls_shell.number_reflns_R_free             29 
_refine_ls_shell.number_reflns_all                ? 
_refine_ls_shell.R_factor_all                     ? 
_refine_ls_shell.number_reflns_obs                561 
_refine_ls_shell.redundancy_reflns_obs            ? 
_refine_ls_shell.pdbx_refine_id                   'X-RAY DIFFRACTION' 
# 
_struct.entry_id                  3G1C 
_struct.title                     'The crystal structure of a TrpR like protein from Eubacterium eligens ATCC 27750' 
_struct.pdbx_model_details        ? 
_struct.pdbx_CASP_flag            ? 
_struct.pdbx_model_type_details   ? 
# 
_struct_keywords.entry_id        3G1C 
_struct_keywords.pdbx_keywords   'transcription, DNA binding protein' 
_struct_keywords.text            
;TrpR like protein, Eubacterium eligens, Structural Genomics, PSI, MCSG, Protein Structure Initiative, Midwest Center for Structural Genomics, unknown function, transcription, DNA binding protein
;
# 
loop_
_struct_asym.id 
_struct_asym.pdbx_blank_PDB_chainid_flag 
_struct_asym.pdbx_modified 
_struct_asym.entity_id 
_struct_asym.details 
A N N 1 ? 
B N N 2 ? 
C N N 2 ? 
D N N 2 ? 
E N N 3 ? 
# 
_struct_ref.id                         1 
_struct_ref.db_name                    PDB 
_struct_ref.db_code                    3G1C 
_struct_ref.pdbx_db_accession          3G1C 
_struct_ref.entity_id                  1 
_struct_ref.pdbx_seq_one_letter_code   
;MNNKLKTQAVEQLFQAILSLKDLDEAYDFFEDVCTINEILSLSQRFEVAKMLREHRTYLDIAEKTGASTATISRVNRSLN
YGNDGYDRVFERLGMLEKESEDNK
;
_struct_ref.pdbx_align_begin           1 
_struct_ref.pdbx_db_isoform            ? 
# 
_struct_ref_seq.align_id                      1 
_struct_ref_seq.ref_id                        1 
_struct_ref_seq.pdbx_PDB_id_code              3G1C 
_struct_ref_seq.pdbx_strand_id                A 
_struct_ref_seq.seq_align_beg                 1 
_struct_ref_seq.pdbx_seq_align_beg_ins_code   ? 
_struct_ref_seq.seq_align_end                 104 
_struct_ref_seq.pdbx_seq_align_end_ins_code   ? 
_struct_ref_seq.pdbx_db_accession             3G1C 
_struct_ref_seq.db_align_beg                  1 
_struct_ref_seq.pdbx_db_align_beg_ins_code    ? 
_struct_ref_seq.db_align_end                  104 
_struct_ref_seq.pdbx_db_align_end_ins_code    ? 
_struct_ref_seq.pdbx_auth_seq_align_beg       1 
_struct_ref_seq.pdbx_auth_seq_align_end       104 
# 
_pdbx_struct_assembly.id                   1 
_pdbx_struct_assembly.details              author_and_software_defined_assembly 
_pdbx_struct_assembly.method_details       PISA 
_pdbx_struct_assembly.oligomeric_details   dimeric 
_pdbx_struct_assembly.oligomeric_count     2 
# 
loop_
_pdbx_struct_assembly_prop.biol_id 
_pdbx_struct_assembly_prop.type 
_pdbx_struct_assembly_prop.value 
_pdbx_struct_assembly_prop.details 
1 'ABSA (A^2)' 5860  ? 
1 MORE         -69   ? 
1 'SSA (A^2)'  10370 ? 
# 
_pdbx_struct_assembly_gen.assembly_id       1 
_pdbx_struct_assembly_gen.oper_expression   1,2 
_pdbx_struct_assembly_gen.asym_id_list      A,B,C,D,E 
# 
loop_
_pdbx_struct_oper_list.id 
_pdbx_struct_oper_list.type 
_pdbx_struct_oper_list.name 
_pdbx_struct_oper_list.symmetry_operation 
_pdbx_struct_oper_list.matrix[1][1] 
_pdbx_struct_oper_list.matrix[1][2] 
_pdbx_struct_oper_list.matrix[1][3] 
_pdbx_struct_oper_list.vector[1] 
_pdbx_struct_oper_list.matrix[2][1] 
_pdbx_struct_oper_list.matrix[2][2] 
_pdbx_struct_oper_list.matrix[2][3] 
_pdbx_struct_oper_list.vector[2] 
_pdbx_struct_oper_list.matrix[3][1] 
_pdbx_struct_oper_list.matrix[3][2] 
_pdbx_struct_oper_list.matrix[3][3] 
_pdbx_struct_oper_list.vector[3] 
1 'identity operation'         1_555 x,y,z        1.0000000000  0.0000000000  0.0000000000 0.0000000000 0.0000000000  1.0000000000 0.0000000000  0.0000000000  0.0000000000 0.0000000000  1.0000000000  0.0000000000   
2 'crystal symmetry operation' 8_555 -y,-x,-z+1/2 -0.9950516039 -0.0788940829 0.0603989171 4.2504438671 -0.0788940829 0.2578371322 -0.9629619603 -9.4098182461 0.0603989171 -0.9629619603 -0.2627855282 -12.6394958157 
# 
_struct_biol.id        1 
_struct_biol.details   
;The second part of the biological assembly is generated 
by the two fold axis: -y,-x,-z+1/2
;
# 
loop_
_struct_conf.conf_type_id 
_struct_conf.id 
_struct_conf.pdbx_PDB_helix_id 
_struct_conf.beg_label_comp_id 
_struct_conf.beg_label_asym_id 
_struct_conf.beg_label_seq_id 
_struct_conf.pdbx_beg_PDB_ins_code 
_struct_conf.end_label_comp_id 
_struct_conf.end_label_asym_id 
_struct_conf.end_label_seq_id 
_struct_conf.pdbx_end_PDB_ins_code 
_struct_conf.beg_auth_comp_id 
_struct_conf.beg_auth_asym_id 
_struct_conf.beg_auth_seq_id 
_struct_conf.end_auth_comp_id 
_struct_conf.end_auth_asym_id 
_struct_conf.end_auth_seq_id 
_struct_conf.pdbx_PDB_helix_class 
_struct_conf.details 
_struct_conf.pdbx_PDB_helix_length 
HELX_P HELX_P1 1 ASN A 2  ? LYS A 6  ? ASN A 2  LYS A 6  5 ? 5  
HELX_P HELX_P2 2 THR A 7  ? SER A 19 ? THR A 7  SER A 19 1 ? 13 
HELX_P HELX_P3 3 ASP A 22 ? CYS A 34 ? ASP A 22 CYS A 34 1 ? 13 
HELX_P HELX_P4 4 THR A 35 ? GLU A 54 ? THR A 35 GLU A 54 1 ? 20 
HELX_P HELX_P5 5 THR A 57 ? GLY A 66 ? THR A 57 GLY A 66 1 ? 10 
HELX_P HELX_P6 6 SER A 68 ? TYR A 81 ? SER A 68 TYR A 81 1 ? 14 
HELX_P HELX_P7 7 ASP A 84 ? GLY A 94 ? ASP A 84 GLY A 94 1 ? 11 
# 
_struct_conf_type.id          HELX_P 
_struct_conf_type.criteria    ? 
_struct_conf_type.reference   ? 
# 
loop_
_struct_site.id 
_struct_site.pdbx_evidence_code 
_struct_site.pdbx_auth_asym_id 
_struct_site.pdbx_auth_comp_id 
_struct_site.pdbx_auth_seq_id 
_struct_site.pdbx_auth_ins_code 
_struct_site.pdbx_num_residues 
_struct_site.details 
AC1 Software A MG 105 ? 2 'BINDING SITE FOR RESIDUE MG A 105' 
AC2 Software A MG 107 ? 1 'BINDING SITE FOR RESIDUE MG A 107' 
# 
loop_
_struct_site_gen.id 
_struct_site_gen.site_id 
_struct_site_gen.pdbx_num_res 
_struct_site_gen.label_comp_id 
_struct_site_gen.label_asym_id 
_struct_site_gen.label_seq_id 
_struct_site_gen.pdbx_auth_ins_code 
_struct_site_gen.auth_comp_id 
_struct_site_gen.auth_asym_id 
_struct_site_gen.auth_seq_id 
_struct_site_gen.label_atom_id 
_struct_site_gen.label_alt_id 
_struct_site_gen.symmetry 
_struct_site_gen.details 
1 AC1 2 ARG A 45 ? ARG A 45 . ? 1_555 ? 
2 AC1 2 ARG A 74 ? ARG A 74 . ? 1_555 ? 
3 AC2 1 THR A 35 ? THR A 35 . ? 1_555 ? 
# 
_pdbx_validate_rmsd_angle.id                         1 
_pdbx_validate_rmsd_angle.PDB_model_num              1 
_pdbx_validate_rmsd_angle.auth_atom_id_1             NE 
_pdbx_validate_rmsd_angle.auth_asym_id_1             A 
_pdbx_validate_rmsd_angle.auth_comp_id_1             ARG 
_pdbx_validate_rmsd_angle.auth_seq_id_1              45 
_pdbx_validate_rmsd_angle.PDB_ins_code_1             ? 
_pdbx_validate_rmsd_angle.label_alt_id_1             ? 
_pdbx_validate_rmsd_angle.auth_atom_id_2             CZ 
_pdbx_validate_rmsd_angle.auth_asym_id_2             A 
_pdbx_validate_rmsd_angle.auth_comp_id_2             ARG 
_pdbx_validate_rmsd_angle.auth_seq_id_2              45 
_pdbx_validate_rmsd_angle.PDB_ins_code_2             ? 
_pdbx_validate_rmsd_angle.label_alt_id_2             ? 
_pdbx_validate_rmsd_angle.auth_atom_id_3             NH1 
_pdbx_validate_rmsd_angle.auth_asym_id_3             A 
_pdbx_validate_rmsd_angle.auth_comp_id_3             ARG 
_pdbx_validate_rmsd_angle.auth_seq_id_3              45 
_pdbx_validate_rmsd_angle.PDB_ins_code_3             ? 
_pdbx_validate_rmsd_angle.label_alt_id_3             ? 
_pdbx_validate_rmsd_angle.angle_value                124.14 
_pdbx_validate_rmsd_angle.angle_target_value         120.30 
_pdbx_validate_rmsd_angle.angle_deviation            3.84 
_pdbx_validate_rmsd_angle.angle_standard_deviation   0.50 
_pdbx_validate_rmsd_angle.linker_flag                N 
# 
_pdbx_SG_project.id                    1 
_pdbx_SG_project.project_name          'PSI, Protein Structure Initiative' 
_pdbx_SG_project.full_name_of_center   'Midwest Center for Structural Genomics' 
_pdbx_SG_project.initial_of_center     MCSG 
# 
loop_
_pdbx_unobs_or_zero_occ_residues.id 
_pdbx_unobs_or_zero_occ_residues.PDB_model_num 
_pdbx_unobs_or_zero_occ_residues.polymer_flag 
_pdbx_unobs_or_zero_occ_residues.occupancy_flag 
_pdbx_unobs_or_zero_occ_residues.auth_asym_id 
_pdbx_unobs_or_zero_occ_residues.auth_comp_id 
_pdbx_unobs_or_zero_occ_residues.auth_seq_id 
_pdbx_unobs_or_zero_occ_residues.PDB_ins_code 
_pdbx_unobs_or_zero_occ_residues.label_asym_id 
_pdbx_unobs_or_zero_occ_residues.label_comp_id 
_pdbx_unobs_or_zero_occ_residues.label_seq_id 
1 1 Y 1 A MET 1   ? A MET 1   
2 1 Y 1 A GLU 99  ? A GLU 99  
3 1 Y 1 A SER 100 ? A SER 100 
4 1 Y 1 A GLU 101 ? A GLU 101 
5 1 Y 1 A ASP 102 ? A ASP 102 
6 1 Y 1 A ASN 103 ? A ASN 103 
7 1 Y 1 A LYS 104 ? A LYS 104 
# 
loop_
_chem_comp_atom.comp_id 
_chem_comp_atom.atom_id 
_chem_comp_atom.type_symbol 
_chem_comp_atom.pdbx_aromatic_flag 
_chem_comp_atom.pdbx_stereo_config 
_chem_comp_atom.pdbx_ordinal 
ALA N    N  N N 1   
ALA CA   C  N S 2   
ALA C    C  N N 3   
ALA O    O  N N 4   
ALA CB   C  N N 5   
ALA OXT  O  N N 6   
ALA H    H  N N 7   
ALA H2   H  N N 8   
ALA HA   H  N N 9   
ALA HB1  H  N N 10  
ALA HB2  H  N N 11  
ALA HB3  H  N N 12  
ALA HXT  H  N N 13  
ARG N    N  N N 14  
ARG CA   C  N S 15  
ARG C    C  N N 16  
ARG O    O  N N 17  
ARG CB   C  N N 18  
ARG CG   C  N N 19  
ARG CD   C  N N 20  
ARG NE   N  N N 21  
ARG CZ   C  N N 22  
ARG NH1  N  N N 23  
ARG NH2  N  N N 24  
ARG OXT  O  N N 25  
ARG H    H  N N 26  
ARG H2   H  N N 27  
ARG HA   H  N N 28  
ARG HB2  H  N N 29  
ARG HB3  H  N N 30  
ARG HG2  H  N N 31  
ARG HG3  H  N N 32  
ARG HD2  H  N N 33  
ARG HD3  H  N N 34  
ARG HE   H  N N 35  
ARG HH11 H  N N 36  
ARG HH12 H  N N 37  
ARG HH21 H  N N 38  
ARG HH22 H  N N 39  
ARG HXT  H  N N 40  
ASN N    N  N N 41  
ASN CA   C  N S 42  
ASN C    C  N N 43  
ASN O    O  N N 44  
ASN CB   C  N N 45  
ASN CG   C  N N 46  
ASN OD1  O  N N 47  
ASN ND2  N  N N 48  
ASN OXT  O  N N 49  
ASN H    H  N N 50  
ASN H2   H  N N 51  
ASN HA   H  N N 52  
ASN HB2  H  N N 53  
ASN HB3  H  N N 54  
ASN HD21 H  N N 55  
ASN HD22 H  N N 56  
ASN HXT  H  N N 57  
ASP N    N  N N 58  
ASP CA   C  N S 59  
ASP C    C  N N 60  
ASP O    O  N N 61  
ASP CB   C  N N 62  
ASP CG   C  N N 63  
ASP OD1  O  N N 64  
ASP OD2  O  N N 65  
ASP OXT  O  N N 66  
ASP H    H  N N 67  
ASP H2   H  N N 68  
ASP HA   H  N N 69  
ASP HB2  H  N N 70  
ASP HB3  H  N N 71  
ASP HD2  H  N N 72  
ASP HXT  H  N N 73  
CYS N    N  N N 74  
CYS CA   C  N R 75  
CYS C    C  N N 76  
CYS O    O  N N 77  
CYS CB   C  N N 78  
CYS SG   S  N N 79  
CYS OXT  O  N N 80  
CYS H    H  N N 81  
CYS H2   H  N N 82  
CYS HA   H  N N 83  
CYS HB2  H  N N 84  
CYS HB3  H  N N 85  
CYS HG   H  N N 86  
CYS HXT  H  N N 87  
GLN N    N  N N 88  
GLN CA   C  N S 89  
GLN C    C  N N 90  
GLN O    O  N N 91  
GLN CB   C  N N 92  
GLN CG   C  N N 93  
GLN CD   C  N N 94  
GLN OE1  O  N N 95  
GLN NE2  N  N N 96  
GLN OXT  O  N N 97  
GLN H    H  N N 98  
GLN H2   H  N N 99  
GLN HA   H  N N 100 
GLN HB2  H  N N 101 
GLN HB3  H  N N 102 
GLN HG2  H  N N 103 
GLN HG3  H  N N 104 
GLN HE21 H  N N 105 
GLN HE22 H  N N 106 
GLN HXT  H  N N 107 
GLU N    N  N N 108 
GLU CA   C  N S 109 
GLU C    C  N N 110 
GLU O    O  N N 111 
GLU CB   C  N N 112 
GLU CG   C  N N 113 
GLU CD   C  N N 114 
GLU OE1  O  N N 115 
GLU OE2  O  N N 116 
GLU OXT  O  N N 117 
GLU H    H  N N 118 
GLU H2   H  N N 119 
GLU HA   H  N N 120 
GLU HB2  H  N N 121 
GLU HB3  H  N N 122 
GLU HG2  H  N N 123 
GLU HG3  H  N N 124 
GLU HE2  H  N N 125 
GLU HXT  H  N N 126 
GLY N    N  N N 127 
GLY CA   C  N N 128 
GLY C    C  N N 129 
GLY O    O  N N 130 
GLY OXT  O  N N 131 
GLY H    H  N N 132 
GLY H2   H  N N 133 
GLY HA2  H  N N 134 
GLY HA3  H  N N 135 
GLY HXT  H  N N 136 
HIS N    N  N N 137 
HIS CA   C  N S 138 
HIS C    C  N N 139 
HIS O    O  N N 140 
HIS CB   C  N N 141 
HIS CG   C  Y N 142 
HIS ND1  N  Y N 143 
HIS CD2  C  Y N 144 
HIS CE1  C  Y N 145 
HIS NE2  N  Y N 146 
HIS OXT  O  N N 147 
HIS H    H  N N 148 
HIS H2   H  N N 149 
HIS HA   H  N N 150 
HIS HB2  H  N N 151 
HIS HB3  H  N N 152 
HIS HD1  H  N N 153 
HIS HD2  H  N N 154 
HIS HE1  H  N N 155 
HIS HE2  H  N N 156 
HIS HXT  H  N N 157 
HOH O    O  N N 158 
HOH H1   H  N N 159 
HOH H2   H  N N 160 
ILE N    N  N N 161 
ILE CA   C  N S 162 
ILE C    C  N N 163 
ILE O    O  N N 164 
ILE CB   C  N S 165 
ILE CG1  C  N N 166 
ILE CG2  C  N N 167 
ILE CD1  C  N N 168 
ILE OXT  O  N N 169 
ILE H    H  N N 170 
ILE H2   H  N N 171 
ILE HA   H  N N 172 
ILE HB   H  N N 173 
ILE HG12 H  N N 174 
ILE HG13 H  N N 175 
ILE HG21 H  N N 176 
ILE HG22 H  N N 177 
ILE HG23 H  N N 178 
ILE HD11 H  N N 179 
ILE HD12 H  N N 180 
ILE HD13 H  N N 181 
ILE HXT  H  N N 182 
LEU N    N  N N 183 
LEU CA   C  N S 184 
LEU C    C  N N 185 
LEU O    O  N N 186 
LEU CB   C  N N 187 
LEU CG   C  N N 188 
LEU CD1  C  N N 189 
LEU CD2  C  N N 190 
LEU OXT  O  N N 191 
LEU H    H  N N 192 
LEU H2   H  N N 193 
LEU HA   H  N N 194 
LEU HB2  H  N N 195 
LEU HB3  H  N N 196 
LEU HG   H  N N 197 
LEU HD11 H  N N 198 
LEU HD12 H  N N 199 
LEU HD13 H  N N 200 
LEU HD21 H  N N 201 
LEU HD22 H  N N 202 
LEU HD23 H  N N 203 
LEU HXT  H  N N 204 
LYS N    N  N N 205 
LYS CA   C  N S 206 
LYS C    C  N N 207 
LYS O    O  N N 208 
LYS CB   C  N N 209 
LYS CG   C  N N 210 
LYS CD   C  N N 211 
LYS CE   C  N N 212 
LYS NZ   N  N N 213 
LYS OXT  O  N N 214 
LYS H    H  N N 215 
LYS H2   H  N N 216 
LYS HA   H  N N 217 
LYS HB2  H  N N 218 
LYS HB3  H  N N 219 
LYS HG2  H  N N 220 
LYS HG3  H  N N 221 
LYS HD2  H  N N 222 
LYS HD3  H  N N 223 
LYS HE2  H  N N 224 
LYS HE3  H  N N 225 
LYS HZ1  H  N N 226 
LYS HZ2  H  N N 227 
LYS HZ3  H  N N 228 
LYS HXT  H  N N 229 
MET N    N  N N 230 
MET CA   C  N S 231 
MET C    C  N N 232 
MET O    O  N N 233 
MET CB   C  N N 234 
MET CG   C  N N 235 
MET SD   S  N N 236 
MET CE   C  N N 237 
MET OXT  O  N N 238 
MET H    H  N N 239 
MET H2   H  N N 240 
MET HA   H  N N 241 
MET HB2  H  N N 242 
MET HB3  H  N N 243 
MET HG2  H  N N 244 
MET HG3  H  N N 245 
MET HE1  H  N N 246 
MET HE2  H  N N 247 
MET HE3  H  N N 248 
MET HXT  H  N N 249 
MG  MG   MG N N 250 
PHE N    N  N N 251 
PHE CA   C  N S 252 
PHE C    C  N N 253 
PHE O    O  N N 254 
PHE CB   C  N N 255 
PHE CG   C  Y N 256 
PHE CD1  C  Y N 257 
PHE CD2  C  Y N 258 
PHE CE1  C  Y N 259 
PHE CE2  C  Y N 260 
PHE CZ   C  Y N 261 
PHE OXT  O  N N 262 
PHE H    H  N N 263 
PHE H2   H  N N 264 
PHE HA   H  N N 265 
PHE HB2  H  N N 266 
PHE HB3  H  N N 267 
PHE HD1  H  N N 268 
PHE HD2  H  N N 269 
PHE HE1  H  N N 270 
PHE HE2  H  N N 271 
PHE HZ   H  N N 272 
PHE HXT  H  N N 273 
SER N    N  N N 274 
SER CA   C  N S 275 
SER C    C  N N 276 
SER O    O  N N 277 
SER CB   C  N N 278 
SER OG   O  N N 279 
SER OXT  O  N N 280 
SER H    H  N N 281 
SER H2   H  N N 282 
SER HA   H  N N 283 
SER HB2  H  N N 284 
SER HB3  H  N N 285 
SER HG   H  N N 286 
SER HXT  H  N N 287 
THR N    N  N N 288 
THR CA   C  N S 289 
THR C    C  N N 290 
THR O    O  N N 291 
THR CB   C  N R 292 
THR OG1  O  N N 293 
THR CG2  C  N N 294 
THR OXT  O  N N 295 
THR H    H  N N 296 
THR H2   H  N N 297 
THR HA   H  N N 298 
THR HB   H  N N 299 
THR HG1  H  N N 300 
THR HG21 H  N N 301 
THR HG22 H  N N 302 
THR HG23 H  N N 303 
THR HXT  H  N N 304 
TYR N    N  N N 305 
TYR CA   C  N S 306 
TYR C    C  N N 307 
TYR O    O  N N 308 
TYR CB   C  N N 309 
TYR CG   C  Y N 310 
TYR CD1  C  Y N 311 
TYR CD2  C  Y N 312 
TYR CE1  C  Y N 313 
TYR CE2  C  Y N 314 
TYR CZ   C  Y N 315 
TYR OH   O  N N 316 
TYR OXT  O  N N 317 
TYR H    H  N N 318 
TYR H2   H  N N 319 
TYR HA   H  N N 320 
TYR HB2  H  N N 321 
TYR HB3  H  N N 322 
TYR HD1  H  N N 323 
TYR HD2  H  N N 324 
TYR HE1  H  N N 325 
TYR HE2  H  N N 326 
TYR HH   H  N N 327 
TYR HXT  H  N N 328 
VAL N    N  N N 329 
VAL CA   C  N S 330 
VAL C    C  N N 331 
VAL O    O  N N 332 
VAL CB   C  N N 333 
VAL CG1  C  N N 334 
VAL CG2  C  N N 335 
VAL OXT  O  N N 336 
VAL H    H  N N 337 
VAL H2   H  N N 338 
VAL HA   H  N N 339 
VAL HB   H  N N 340 
VAL HG11 H  N N 341 
VAL HG12 H  N N 342 
VAL HG13 H  N N 343 
VAL HG21 H  N N 344 
VAL HG22 H  N N 345 
VAL HG23 H  N N 346 
VAL HXT  H  N N 347 
# 
loop_
_chem_comp_bond.comp_id 
_chem_comp_bond.atom_id_1 
_chem_comp_bond.atom_id_2 
_chem_comp_bond.value_order 
_chem_comp_bond.pdbx_aromatic_flag 
_chem_comp_bond.pdbx_stereo_config 
_chem_comp_bond.pdbx_ordinal 
ALA N   CA   sing N N 1   
ALA N   H    sing N N 2   
ALA N   H2   sing N N 3   
ALA CA  C    sing N N 4   
ALA CA  CB   sing N N 5   
ALA CA  HA   sing N N 6   
ALA C   O    doub N N 7   
ALA C   OXT  sing N N 8   
ALA CB  HB1  sing N N 9   
ALA CB  HB2  sing N N 10  
ALA CB  HB3  sing N N 11  
ALA OXT HXT  sing N N 12  
ARG N   CA   sing N N 13  
ARG N   H    sing N N 14  
ARG N   H2   sing N N 15  
ARG CA  C    sing N N 16  
ARG CA  CB   sing N N 17  
ARG CA  HA   sing N N 18  
ARG C   O    doub N N 19  
ARG C   OXT  sing N N 20  
ARG CB  CG   sing N N 21  
ARG CB  HB2  sing N N 22  
ARG CB  HB3  sing N N 23  
ARG CG  CD   sing N N 24  
ARG CG  HG2  sing N N 25  
ARG CG  HG3  sing N N 26  
ARG CD  NE   sing N N 27  
ARG CD  HD2  sing N N 28  
ARG CD  HD3  sing N N 29  
ARG NE  CZ   sing N N 30  
ARG NE  HE   sing N N 31  
ARG CZ  NH1  sing N N 32  
ARG CZ  NH2  doub N N 33  
ARG NH1 HH11 sing N N 34  
ARG NH1 HH12 sing N N 35  
ARG NH2 HH21 sing N N 36  
ARG NH2 HH22 sing N N 37  
ARG OXT HXT  sing N N 38  
ASN N   CA   sing N N 39  
ASN N   H    sing N N 40  
ASN N   H2   sing N N 41  
ASN CA  C    sing N N 42  
ASN CA  CB   sing N N 43  
ASN CA  HA   sing N N 44  
ASN C   O    doub N N 45  
ASN C   OXT  sing N N 46  
ASN CB  CG   sing N N 47  
ASN CB  HB2  sing N N 48  
ASN CB  HB3  sing N N 49  
ASN CG  OD1  doub N N 50  
ASN CG  ND2  sing N N 51  
ASN ND2 HD21 sing N N 52  
ASN ND2 HD22 sing N N 53  
ASN OXT HXT  sing N N 54  
ASP N   CA   sing N N 55  
ASP N   H    sing N N 56  
ASP N   H2   sing N N 57  
ASP CA  C    sing N N 58  
ASP CA  CB   sing N N 59  
ASP CA  HA   sing N N 60  
ASP C   O    doub N N 61  
ASP C   OXT  sing N N 62  
ASP CB  CG   sing N N 63  
ASP CB  HB2  sing N N 64  
ASP CB  HB3  sing N N 65  
ASP CG  OD1  doub N N 66  
ASP CG  OD2  sing N N 67  
ASP OD2 HD2  sing N N 68  
ASP OXT HXT  sing N N 69  
CYS N   CA   sing N N 70  
CYS N   H    sing N N 71  
CYS N   H2   sing N N 72  
CYS CA  C    sing N N 73  
CYS CA  CB   sing N N 74  
CYS CA  HA   sing N N 75  
CYS C   O    doub N N 76  
CYS C   OXT  sing N N 77  
CYS CB  SG   sing N N 78  
CYS CB  HB2  sing N N 79  
CYS CB  HB3  sing N N 80  
CYS SG  HG   sing N N 81  
CYS OXT HXT  sing N N 82  
GLN N   CA   sing N N 83  
GLN N   H    sing N N 84  
GLN N   H2   sing N N 85  
GLN CA  C    sing N N 86  
GLN CA  CB   sing N N 87  
GLN CA  HA   sing N N 88  
GLN C   O    doub N N 89  
GLN C   OXT  sing N N 90  
GLN CB  CG   sing N N 91  
GLN CB  HB2  sing N N 92  
GLN CB  HB3  sing N N 93  
GLN CG  CD   sing N N 94  
GLN CG  HG2  sing N N 95  
GLN CG  HG3  sing N N 96  
GLN CD  OE1  doub N N 97  
GLN CD  NE2  sing N N 98  
GLN NE2 HE21 sing N N 99  
GLN NE2 HE22 sing N N 100 
GLN OXT HXT  sing N N 101 
GLU N   CA   sing N N 102 
GLU N   H    sing N N 103 
GLU N   H2   sing N N 104 
GLU CA  C    sing N N 105 
GLU CA  CB   sing N N 106 
GLU CA  HA   sing N N 107 
GLU C   O    doub N N 108 
GLU C   OXT  sing N N 109 
GLU CB  CG   sing N N 110 
GLU CB  HB2  sing N N 111 
GLU CB  HB3  sing N N 112 
GLU CG  CD   sing N N 113 
GLU CG  HG2  sing N N 114 
GLU CG  HG3  sing N N 115 
GLU CD  OE1  doub N N 116 
GLU CD  OE2  sing N N 117 
GLU OE2 HE2  sing N N 118 
GLU OXT HXT  sing N N 119 
GLY N   CA   sing N N 120 
GLY N   H    sing N N 121 
GLY N   H2   sing N N 122 
GLY CA  C    sing N N 123 
GLY CA  HA2  sing N N 124 
GLY CA  HA3  sing N N 125 
GLY C   O    doub N N 126 
GLY C   OXT  sing N N 127 
GLY OXT HXT  sing N N 128 
HIS N   CA   sing N N 129 
HIS N   H    sing N N 130 
HIS N   H2   sing N N 131 
HIS CA  C    sing N N 132 
HIS CA  CB   sing N N 133 
HIS CA  HA   sing N N 134 
HIS C   O    doub N N 135 
HIS C   OXT  sing N N 136 
HIS CB  CG   sing N N 137 
HIS CB  HB2  sing N N 138 
HIS CB  HB3  sing N N 139 
HIS CG  ND1  sing Y N 140 
HIS CG  CD2  doub Y N 141 
HIS ND1 CE1  doub Y N 142 
HIS ND1 HD1  sing N N 143 
HIS CD2 NE2  sing Y N 144 
HIS CD2 HD2  sing N N 145 
HIS CE1 NE2  sing Y N 146 
HIS CE1 HE1  sing N N 147 
HIS NE2 HE2  sing N N 148 
HIS OXT HXT  sing N N 149 
HOH O   H1   sing N N 150 
HOH O   H2   sing N N 151 
ILE N   CA   sing N N 152 
ILE N   H    sing N N 153 
ILE N   H2   sing N N 154 
ILE CA  C    sing N N 155 
ILE CA  CB   sing N N 156 
ILE CA  HA   sing N N 157 
ILE C   O    doub N N 158 
ILE C   OXT  sing N N 159 
ILE CB  CG1  sing N N 160 
ILE CB  CG2  sing N N 161 
ILE CB  HB   sing N N 162 
ILE CG1 CD1  sing N N 163 
ILE CG1 HG12 sing N N 164 
ILE CG1 HG13 sing N N 165 
ILE CG2 HG21 sing N N 166 
ILE CG2 HG22 sing N N 167 
ILE CG2 HG23 sing N N 168 
ILE CD1 HD11 sing N N 169 
ILE CD1 HD12 sing N N 170 
ILE CD1 HD13 sing N N 171 
ILE OXT HXT  sing N N 172 
LEU N   CA   sing N N 173 
LEU N   H    sing N N 174 
LEU N   H2   sing N N 175 
LEU CA  C    sing N N 176 
LEU CA  CB   sing N N 177 
LEU CA  HA   sing N N 178 
LEU C   O    doub N N 179 
LEU C   OXT  sing N N 180 
LEU CB  CG   sing N N 181 
LEU CB  HB2  sing N N 182 
LEU CB  HB3  sing N N 183 
LEU CG  CD1  sing N N 184 
LEU CG  CD2  sing N N 185 
LEU CG  HG   sing N N 186 
LEU CD1 HD11 sing N N 187 
LEU CD1 HD12 sing N N 188 
LEU CD1 HD13 sing N N 189 
LEU CD2 HD21 sing N N 190 
LEU CD2 HD22 sing N N 191 
LEU CD2 HD23 sing N N 192 
LEU OXT HXT  sing N N 193 
LYS N   CA   sing N N 194 
LYS N   H    sing N N 195 
LYS N   H2   sing N N 196 
LYS CA  C    sing N N 197 
LYS CA  CB   sing N N 198 
LYS CA  HA   sing N N 199 
LYS C   O    doub N N 200 
LYS C   OXT  sing N N 201 
LYS CB  CG   sing N N 202 
LYS CB  HB2  sing N N 203 
LYS CB  HB3  sing N N 204 
LYS CG  CD   sing N N 205 
LYS CG  HG2  sing N N 206 
LYS CG  HG3  sing N N 207 
LYS CD  CE   sing N N 208 
LYS CD  HD2  sing N N 209 
LYS CD  HD3  sing N N 210 
LYS CE  NZ   sing N N 211 
LYS CE  HE2  sing N N 212 
LYS CE  HE3  sing N N 213 
LYS NZ  HZ1  sing N N 214 
LYS NZ  HZ2  sing N N 215 
LYS NZ  HZ3  sing N N 216 
LYS OXT HXT  sing N N 217 
MET N   CA   sing N N 218 
MET N   H    sing N N 219 
MET N   H2   sing N N 220 
MET CA  C    sing N N 221 
MET CA  CB   sing N N 222 
MET CA  HA   sing N N 223 
MET C   O    doub N N 224 
MET C   OXT  sing N N 225 
MET CB  CG   sing N N 226 
MET CB  HB2  sing N N 227 
MET CB  HB3  sing N N 228 
MET CG  SD   sing N N 229 
MET CG  HG2  sing N N 230 
MET CG  HG3  sing N N 231 
MET SD  CE   sing N N 232 
MET CE  HE1  sing N N 233 
MET CE  HE2  sing N N 234 
MET CE  HE3  sing N N 235 
MET OXT HXT  sing N N 236 
PHE N   CA   sing N N 237 
PHE N   H    sing N N 238 
PHE N   H2   sing N N 239 
PHE CA  C    sing N N 240 
PHE CA  CB   sing N N 241 
PHE CA  HA   sing N N 242 
PHE C   O    doub N N 243 
PHE C   OXT  sing N N 244 
PHE CB  CG   sing N N 245 
PHE CB  HB2  sing N N 246 
PHE CB  HB3  sing N N 247 
PHE CG  CD1  doub Y N 248 
PHE CG  CD2  sing Y N 249 
PHE CD1 CE1  sing Y N 250 
PHE CD1 HD1  sing N N 251 
PHE CD2 CE2  doub Y N 252 
PHE CD2 HD2  sing N N 253 
PHE CE1 CZ   doub Y N 254 
PHE CE1 HE1  sing N N 255 
PHE CE2 CZ   sing Y N 256 
PHE CE2 HE2  sing N N 257 
PHE CZ  HZ   sing N N 258 
PHE OXT HXT  sing N N 259 
SER N   CA   sing N N 260 
SER N   H    sing N N 261 
SER N   H2   sing N N 262 
SER CA  C    sing N N 263 
SER CA  CB   sing N N 264 
SER CA  HA   sing N N 265 
SER C   O    doub N N 266 
SER C   OXT  sing N N 267 
SER CB  OG   sing N N 268 
SER CB  HB2  sing N N 269 
SER CB  HB3  sing N N 270 
SER OG  HG   sing N N 271 
SER OXT HXT  sing N N 272 
THR N   CA   sing N N 273 
THR N   H    sing N N 274 
THR N   H2   sing N N 275 
THR CA  C    sing N N 276 
THR CA  CB   sing N N 277 
THR CA  HA   sing N N 278 
THR C   O    doub N N 279 
THR C   OXT  sing N N 280 
THR CB  OG1  sing N N 281 
THR CB  CG2  sing N N 282 
THR CB  HB   sing N N 283 
THR OG1 HG1  sing N N 284 
THR CG2 HG21 sing N N 285 
THR CG2 HG22 sing N N 286 
THR CG2 HG23 sing N N 287 
THR OXT HXT  sing N N 288 
TYR N   CA   sing N N 289 
TYR N   H    sing N N 290 
TYR N   H2   sing N N 291 
TYR CA  C    sing N N 292 
TYR CA  CB   sing N N 293 
TYR CA  HA   sing N N 294 
TYR C   O    doub N N 295 
TYR C   OXT  sing N N 296 
TYR CB  CG   sing N N 297 
TYR CB  HB2  sing N N 298 
TYR CB  HB3  sing N N 299 
TYR CG  CD1  doub Y N 300 
TYR CG  CD2  sing Y N 301 
TYR CD1 CE1  sing Y N 302 
TYR CD1 HD1  sing N N 303 
TYR CD2 CE2  doub Y N 304 
TYR CD2 HD2  sing N N 305 
TYR CE1 CZ   doub Y N 306 
TYR CE1 HE1  sing N N 307 
TYR CE2 CZ   sing Y N 308 
TYR CE2 HE2  sing N N 309 
TYR CZ  OH   sing N N 310 
TYR OH  HH   sing N N 311 
TYR OXT HXT  sing N N 312 
VAL N   CA   sing N N 313 
VAL N   H    sing N N 314 
VAL N   H2   sing N N 315 
VAL CA  C    sing N N 316 
VAL CA  CB   sing N N 317 
VAL CA  HA   sing N N 318 
VAL C   O    doub N N 319 
VAL C   OXT  sing N N 320 
VAL CB  CG1  sing N N 321 
VAL CB  CG2  sing N N 322 
VAL CB  HB   sing N N 323 
VAL CG1 HG11 sing N N 324 
VAL CG1 HG12 sing N N 325 
VAL CG1 HG13 sing N N 326 
VAL CG2 HG21 sing N N 327 
VAL CG2 HG22 sing N N 328 
VAL CG2 HG23 sing N N 329 
VAL OXT HXT  sing N N 330 
# 
_atom_sites.entry_id                    3G1C 
_atom_sites.fract_transf_matrix[1][1]   -0.01335038 
_atom_sites.fract_transf_matrix[1][2]   -0.00998273 
_atom_sites.fract_transf_matrix[1][3]   0.01192642 
_atom_sites.fract_transf_matrix[2][1]   -0.01479224 
_atom_sites.fract_transf_matrix[2][2]   0.01300534 
_atom_sites.fract_transf_matrix[2][3]   -0.00567255 
_atom_sites.fract_transf_matrix[3][1]   -0.00185344 
_atom_sites.fract_transf_matrix[3][2]   -0.00474557 
_atom_sites.fract_transf_matrix[3][3]   -0.00604690 
_atom_sites.fract_transf_vector[1]      0.204516 
_atom_sites.fract_transf_vector[2]      -0.090962 
_atom_sites.fract_transf_vector[3]      0.193410 
# 
loop_
_atom_type.symbol 
C  
MG 
N  
O  
S  
# 
loop_
_atom_site.group_PDB 
_atom_site.id 
_atom_site.type_symbol 
_atom_site.label_atom_id 
_atom_site.label_alt_id 
_atom_site.label_comp_id 
_atom_site.label_asym_id 
_atom_site.label_entity_id 
_atom_site.label_seq_id 
_atom_site.pdbx_PDB_ins_code 
_atom_site.Cartn_x 
_atom_site.Cartn_y 
_atom_site.Cartn_z 
_atom_site.occupancy 
_atom_site.B_iso_or_equiv 
_atom_site.pdbx_formal_charge 
_atom_site.auth_seq_id 
_atom_site.auth_comp_id 
_atom_site.auth_asym_id 
_atom_site.auth_atom_id 
_atom_site.pdbx_PDB_model_num 
ATOM   1   N  N   . ASN A 1 2  ? -13.494 -3.544  -10.102 1.00 82.15 ? 2   ASN A N   1 
ATOM   2   C  CA  . ASN A 1 2  ? -13.510 -4.946  -9.551  1.00 82.90 ? 2   ASN A CA  1 
ATOM   3   C  C   . ASN A 1 2  ? -13.850 -6.001  -10.620 1.00 81.48 ? 2   ASN A C   1 
ATOM   4   O  O   . ASN A 1 2  ? -13.113 -6.990  -10.793 1.00 81.40 ? 2   ASN A O   1 
ATOM   5   C  CB  . ASN A 1 2  ? -14.496 -5.085  -8.356  1.00 83.66 ? 2   ASN A CB  1 
ATOM   6   C  CG  . ASN A 1 2  ? -14.291 -6.415  -7.517  1.00 86.69 ? 2   ASN A CG  1 
ATOM   7   O  OD1 . ASN A 1 2  ? -13.223 -7.055  -7.552  1.00 90.12 ? 2   ASN A OD1 1 
ATOM   8   N  ND2 . ASN A 1 2  ? -15.330 -6.796  -6.741  1.00 89.88 ? 2   ASN A ND2 1 
ATOM   9   N  N   . ASN A 1 3  ? -14.967 -5.796  -11.322 1.00 79.54 ? 3   ASN A N   1 
ATOM   10  C  CA  . ASN A 1 3  ? -15.377 -6.721  -12.379 1.00 77.66 ? 3   ASN A CA  1 
ATOM   11  C  C   . ASN A 1 3  ? -14.269 -6.972  -13.435 1.00 74.22 ? 3   ASN A C   1 
ATOM   12  O  O   . ASN A 1 3  ? -14.046 -8.096  -13.886 1.00 73.29 ? 3   ASN A O   1 
ATOM   13  C  CB  . ASN A 1 3  ? -16.630 -6.184  -13.055 1.00 78.83 ? 3   ASN A CB  1 
ATOM   14  C  CG  . ASN A 1 3  ? -17.146 -7.130  -14.121 1.00 82.57 ? 3   ASN A CG  1 
ATOM   15  O  OD1 . ASN A 1 3  ? -17.435 -8.305  -13.822 1.00 86.57 ? 3   ASN A OD1 1 
ATOM   16  N  ND2 . ASN A 1 3  ? -17.241 -6.643  -15.384 1.00 87.07 ? 3   ASN A ND2 1 
ATOM   17  N  N   . LYS A 1 4  ? -13.550 -5.912  -13.779 1.00 70.24 ? 4   LYS A N   1 
ATOM   18  C  CA  . LYS A 1 4  ? -12.455 -5.993  -14.737 1.00 67.24 ? 4   LYS A CA  1 
ATOM   19  C  C   . LYS A 1 4  ? -11.241 -6.789  -14.219 1.00 62.77 ? 4   LYS A C   1 
ATOM   20  O  O   . LYS A 1 4  ? -10.389 -7.263  -14.998 1.00 61.11 ? 4   LYS A O   1 
ATOM   21  C  CB  . LYS A 1 4  ? -12.062 -4.567  -15.126 1.00 68.10 ? 4   LYS A CB  1 
ATOM   22  C  CG  . LYS A 1 4  ? -11.545 -4.459  -16.561 1.00 71.82 ? 4   LYS A CG  1 
ATOM   23  C  CD  . LYS A 1 4  ? -11.244 -2.989  -17.004 1.00 75.94 ? 4   LYS A CD  1 
ATOM   24  C  CE  . LYS A 1 4  ? -10.440 -2.992  -18.360 1.00 78.53 ? 4   LYS A CE  1 
ATOM   25  N  NZ  . LYS A 1 4  ? -9.809  -1.672  -18.740 1.00 79.86 ? 4   LYS A NZ  1 
ATOM   26  N  N   . LEU A 1 5  ? -11.200 -6.947  -12.907 1.00 58.66 ? 5   LEU A N   1 
ATOM   27  C  CA  . LEU A 1 5  ? -10.140 -7.668  -12.224 1.00 57.06 ? 5   LEU A CA  1 
ATOM   28  C  C   . LEU A 1 5  ? -10.433 -9.134  -11.983 1.00 56.40 ? 5   LEU A C   1 
ATOM   29  O  O   . LEU A 1 5  ? -9.591  -9.860  -11.464 1.00 55.20 ? 5   LEU A O   1 
ATOM   30  C  CB  . LEU A 1 5  ? -9.788  -6.976  -10.887 1.00 56.00 ? 5   LEU A CB  1 
ATOM   31  C  CG  . LEU A 1 5  ? -9.312  -5.512  -10.960 1.00 53.57 ? 5   LEU A CG  1 
ATOM   32  C  CD1 . LEU A 1 5  ? -8.908  -5.067  -9.597  1.00 47.71 ? 5   LEU A CD1 1 
ATOM   33  C  CD2 . LEU A 1 5  ? -8.143  -5.285  -11.977 1.00 50.48 ? 5   LEU A CD2 1 
ATOM   34  N  N   . LYS A 1 6  ? -11.610 -9.603  -12.362 1.00 56.55 ? 6   LYS A N   1 
ATOM   35  C  CA  . LYS A 1 6  ? -11.908 -11.034 -12.189 1.00 57.06 ? 6   LYS A CA  1 
ATOM   36  C  C   . LYS A 1 6  ? -11.459 -11.817 -13.428 1.00 55.69 ? 6   LYS A C   1 
ATOM   37  O  O   . LYS A 1 6  ? -12.243 -12.227 -14.256 1.00 56.18 ? 6   LYS A O   1 
ATOM   38  C  CB  . LYS A 1 6  ? -13.381 -11.241 -11.839 1.00 57.93 ? 6   LYS A CB  1 
ATOM   39  C  CG  . LYS A 1 6  ? -13.803 -10.440 -10.578 1.00 61.80 ? 6   LYS A CG  1 
ATOM   40  C  CD  . LYS A 1 6  ? -12.994 -10.909 -9.278  1.00 66.13 ? 6   LYS A CD  1 
ATOM   41  C  CE  . LYS A 1 6  ? -13.313 -10.082 -7.967  1.00 67.04 ? 6   LYS A CE  1 
ATOM   42  N  NZ  . LYS A 1 6  ? -12.548 -10.599 -6.758  1.00 67.29 ? 6   LYS A NZ  1 
ATOM   43  N  N   . THR A 1 7  ? -10.159 -12.037 -13.489 1.00 54.14 ? 7   THR A N   1 
ATOM   44  C  CA  . THR A 1 7  ? -9.454  -12.517 -14.631 1.00 53.13 ? 7   THR A CA  1 
ATOM   45  C  C   . THR A 1 7  ? -8.462  -13.536 -14.141 1.00 52.05 ? 7   THR A C   1 
ATOM   46  O  O   . THR A 1 7  ? -8.014  -13.486 -13.006 1.00 51.61 ? 7   THR A O   1 
ATOM   47  C  CB  . THR A 1 7  ? -8.724  -11.349 -15.274 1.00 53.53 ? 7   THR A CB  1 
ATOM   48  O  OG1 . THR A 1 7  ? -9.432  -11.002 -16.457 1.00 55.04 ? 7   THR A OG1 1 
ATOM   49  C  CG2 . THR A 1 7  ? -7.380  -11.676 -15.650 1.00 52.98 ? 7   THR A CG2 1 
ATOM   50  N  N   . GLN A 1 8  ? -8.115  -14.467 -14.998 1.00 50.16 ? 8   GLN A N   1 
ATOM   51  C  CA  . GLN A 1 8  ? -7.209  -15.502 -14.604 1.00 50.19 ? 8   GLN A CA  1 
ATOM   52  C  C   . GLN A 1 8  ? -5.778  -14.915 -14.535 1.00 48.02 ? 8   GLN A C   1 
ATOM   53  O  O   . GLN A 1 8  ? -4.939  -15.317 -13.729 1.00 47.85 ? 8   GLN A O   1 
ATOM   54  C  CB  . GLN A 1 8  ? -7.380  -16.664 -15.608 1.00 50.97 ? 8   GLN A CB  1 
ATOM   55  C  CG  . GLN A 1 8  ? -6.811  -17.982 -15.233 1.00 55.05 ? 8   GLN A CG  1 
ATOM   56  C  CD  . GLN A 1 8  ? -6.933  -18.294 -13.748 1.00 59.39 ? 8   GLN A CD  1 
ATOM   57  O  OE1 . GLN A 1 8  ? -8.015  -18.195 -13.124 1.00 64.85 ? 8   GLN A OE1 1 
ATOM   58  N  NE2 . GLN A 1 8  ? -5.805  -18.655 -13.168 1.00 58.16 ? 8   GLN A NE2 1 
ATOM   59  N  N   . ALA A 1 9  ? -5.535  -13.938 -15.401 1.00 46.31 ? 9   ALA A N   1 
ATOM   60  C  CA  . ALA A 1 9  ? -4.334  -13.141 -15.414 1.00 45.11 ? 9   ALA A CA  1 
ATOM   61  C  C   . ALA A 1 9  ? -4.108  -12.469 -14.057 1.00 43.19 ? 9   ALA A C   1 
ATOM   62  O  O   . ALA A 1 9  ? -3.020  -12.559 -13.513 1.00 43.29 ? 9   ALA A O   1 
ATOM   63  C  CB  . ALA A 1 9  ? -4.428  -12.089 -16.558 1.00 44.08 ? 9   ALA A CB  1 
ATOM   64  N  N   . VAL A 1 10 ? -5.146  -11.831 -13.511 1.00 42.11 ? 10  VAL A N   1 
ATOM   65  C  CA  . VAL A 1 10 ? -5.064  -11.183 -12.205 1.00 40.59 ? 10  VAL A CA  1 
ATOM   66  C  C   . VAL A 1 10 ? -4.831  -12.241 -11.111 1.00 40.88 ? 10  VAL A C   1 
ATOM   67  O  O   . VAL A 1 10 ? -3.943  -12.093 -10.261 1.00 39.75 ? 10  VAL A O   1 
ATOM   68  C  CB  . VAL A 1 10 ? -6.271  -10.278 -11.936 1.00 41.11 ? 10  VAL A CB  1 
ATOM   69  C  CG1 . VAL A 1 10 ? -6.339  -9.841  -10.464 1.00 39.66 ? 10  VAL A CG1 1 
ATOM   70  C  CG2 . VAL A 1 10 ? -6.238  -9.001  -12.816 1.00 36.23 ? 10  VAL A CG2 1 
ATOM   71  N  N   . GLU A 1 11 ? -5.556  -13.345 -11.192 1.00 40.88 ? 11  GLU A N   1 
ATOM   72  C  CA  . GLU A 1 11 ? -5.405  -14.401 -10.240 1.00 41.31 ? 11  GLU A CA  1 
ATOM   73  C  C   . GLU A 1 11 ? -3.984  -14.999 -10.239 1.00 41.77 ? 11  GLU A C   1 
ATOM   74  O  O   . GLU A 1 11 ? -3.461  -15.350 -9.150  1.00 40.50 ? 11  GLU A O   1 
ATOM   75  C  CB  . GLU A 1 11 ? -6.442  -15.482 -10.487 1.00 42.72 ? 11  GLU A CB  1 
ATOM   76  C  CG  . GLU A 1 11 ? -7.806  -15.078 -10.006 1.00 46.73 ? 11  GLU A CG  1 
ATOM   77  C  CD  . GLU A 1 11 ? -8.686  -16.223 -9.498  1.00 54.16 ? 11  GLU A CD  1 
ATOM   78  O  OE1 . GLU A 1 11 ? -8.185  -17.358 -9.266  1.00 61.11 ? 11  GLU A OE1 1 
ATOM   79  O  OE2 . GLU A 1 11 ? -9.911  -15.971 -9.306  1.00 57.28 ? 11  GLU A OE2 1 
ATOM   80  N  N   . GLN A 1 12 ? -3.370  -15.153 -11.425 1.00 40.56 ? 12  GLN A N   1 
ATOM   81  C  CA  . GLN A 1 12 ? -1.981  -15.657 -11.430 1.00 41.39 ? 12  GLN A CA  1 
ATOM   82  C  C   . GLN A 1 12 ? -0.984  -14.643 -10.901 1.00 39.22 ? 12  GLN A C   1 
ATOM   83  O  O   . GLN A 1 12 ? -0.052  -15.015 -10.314 1.00 39.44 ? 12  GLN A O   1 
ATOM   84  C  CB  . GLN A 1 12 ? -1.510  -16.056 -12.797 1.00 40.78 ? 12  GLN A CB  1 
ATOM   85  C  CG  . GLN A 1 12 ? -2.330  -17.127 -13.403 1.00 46.50 ? 12  GLN A CG  1 
ATOM   86  C  CD  . GLN A 1 12 ? -1.495  -17.847 -14.393 1.00 49.76 ? 12  GLN A CD  1 
ATOM   87  O  OE1 . GLN A 1 12 ? -1.252  -19.016 -14.204 1.00 55.75 ? 12  GLN A OE1 1 
ATOM   88  N  NE2 . GLN A 1 12 ? -0.965  -17.131 -15.416 1.00 49.63 ? 12  GLN A NE2 1 
ATOM   89  N  N   . LEU A 1 13 ? -1.146  -13.373 -11.208 1.00 39.83 ? 13  LEU A N   1 
ATOM   90  C  CA  . LEU A 1 13 ? -0.350  -12.317 -10.563 1.00 39.77 ? 13  LEU A CA  1 
ATOM   91  C  C   . LEU A 1 13 ? -0.432  -12.507 -9.044  1.00 38.81 ? 13  LEU A C   1 
ATOM   92  O  O   . LEU A 1 13 ? 0.576   -12.677 -8.398  1.00 38.48 ? 13  LEU A O   1 
ATOM   93  C  CB  . LEU A 1 13 ? -0.865  -10.929 -10.978 1.00 40.21 ? 13  LEU A CB  1 
ATOM   94  C  CG  . LEU A 1 13 ? -0.106  -9.773  -10.321 1.00 40.15 ? 13  LEU A CG  1 
ATOM   95  C  CD1 . LEU A 1 13 ? 1.336   -9.704  -10.826 1.00 35.42 ? 13  LEU A CD1 1 
ATOM   96  C  CD2 . LEU A 1 13 ? -0.891  -8.479  -10.516 1.00 38.59 ? 13  LEU A CD2 1 
ATOM   97  N  N   . PHE A 1 14 ? -1.638  -12.629 -8.503  1.00 37.69 ? 14  PHE A N   1 
ATOM   98  C  CA  . PHE A 1 14 ? -1.782  -12.776 -7.049  1.00 37.49 ? 14  PHE A CA  1 
ATOM   99  C  C   . PHE A 1 14 ? -1.180  -14.039 -6.521  1.00 37.65 ? 14  PHE A C   1 
ATOM   100 O  O   . PHE A 1 14 ? -0.559  -13.994 -5.448  1.00 37.00 ? 14  PHE A O   1 
ATOM   101 C  CB  . PHE A 1 14 ? -3.256  -12.633 -6.608  1.00 37.66 ? 14  PHE A CB  1 
ATOM   102 C  CG  . PHE A 1 14 ? -3.811  -11.253 -6.798  1.00 37.85 ? 14  PHE A CG  1 
ATOM   103 C  CD1 . PHE A 1 14 ? -2.992  -10.168 -7.067  1.00 38.34 ? 14  PHE A CD1 1 
ATOM   104 C  CD2 . PHE A 1 14 ? -5.162  -11.012 -6.687  1.00 41.14 ? 14  PHE A CD2 1 
ATOM   105 C  CE1 . PHE A 1 14 ? -3.532  -8.854  -7.215  1.00 40.50 ? 14  PHE A CE1 1 
ATOM   106 C  CE2 . PHE A 1 14 ? -5.671  -9.718  -6.863  1.00 39.60 ? 14  PHE A CE2 1 
ATOM   107 C  CZ  . PHE A 1 14 ? -4.842  -8.653  -7.116  1.00 38.89 ? 14  PHE A CZ  1 
ATOM   108 N  N   . GLN A 1 15 ? -1.251  -15.154 -7.274  1.00 37.36 ? 15  GLN A N   1 
ATOM   109 C  CA  . GLN A 1 15 ? -0.615  -16.362 -6.754  1.00 38.06 ? 15  GLN A CA  1 
ATOM   110 C  C   . GLN A 1 15 ? 0.864   -16.194 -6.756  1.00 37.66 ? 15  GLN A C   1 
ATOM   111 O  O   . GLN A 1 15 ? 1.522   -16.698 -5.868  1.00 38.28 ? 15  GLN A O   1 
ATOM   112 C  CB  . GLN A 1 15 ? -0.877  -17.624 -7.569  1.00 39.29 ? 15  GLN A CB  1 
ATOM   113 C  CG  . GLN A 1 15 ? -2.284  -18.112 -7.550  1.00 38.76 ? 15  GLN A CG  1 
ATOM   114 C  CD  . GLN A 1 15 ? -2.642  -18.884 -6.306  1.00 41.27 ? 15  GLN A CD  1 
ATOM   115 O  OE1 . GLN A 1 15 ? -1.792  -19.220 -5.453  1.00 40.25 ? 15  GLN A OE1 1 
ATOM   116 N  NE2 . GLN A 1 15 ? -3.925  -19.198 -6.197  1.00 41.29 ? 15  GLN A NE2 1 
ATOM   117 N  N   . ALA A 1 16 ? 1.386   -15.579 -7.804  1.00 37.26 ? 16  ALA A N   1 
ATOM   118 C  CA  . ALA A 1 16 ? 2.813   -15.250 -7.881  1.00 38.46 ? 16  ALA A CA  1 
ATOM   119 C  C   . ALA A 1 16 ? 3.207   -14.403 -6.633  1.00 39.54 ? 16  ALA A C   1 
ATOM   120 O  O   . ALA A 1 16 ? 4.173   -14.696 -5.983  1.00 40.87 ? 16  ALA A O   1 
ATOM   121 C  CB  . ALA A 1 16 ? 3.120   -14.436 -9.199  1.00 37.37 ? 16  ALA A CB  1 
ATOM   122 N  N   . ILE A 1 17 ? 2.407   -13.385 -6.297  1.00 40.37 ? 17  ILE A N   1 
ATOM   123 C  CA  . ILE A 1 17 ? 2.741   -12.461 -5.212  1.00 39.24 ? 17  ILE A CA  1 
ATOM   124 C  C   . ILE A 1 17 ? 2.645   -13.237 -3.889  1.00 40.17 ? 17  ILE A C   1 
ATOM   125 O  O   . ILE A 1 17 ? 3.568   -13.197 -3.092  1.00 40.34 ? 17  ILE A O   1 
ATOM   126 C  CB  . ILE A 1 17 ? 1.854   -11.186 -5.248  1.00 38.55 ? 17  ILE A CB  1 
ATOM   127 C  CG1 . ILE A 1 17 ? 2.224   -10.301 -6.447  1.00 35.93 ? 17  ILE A CG1 1 
ATOM   128 C  CG2 . ILE A 1 17 ? 2.041   -10.368 -4.003  1.00 38.04 ? 17  ILE A CG2 1 
ATOM   129 C  CD1 . ILE A 1 17 ? 1.346   -9.219  -6.639  1.00 33.23 ? 17  ILE A CD1 1 
ATOM   130 N  N   . LEU A 1 18 ? 1.581   -13.996 -3.677  1.00 40.56 ? 18  LEU A N   1 
ATOM   131 C  CA  . LEU A 1 18 ? 1.478   -14.771 -2.459  1.00 40.81 ? 18  LEU A CA  1 
ATOM   132 C  C   . LEU A 1 18 ? 2.454   -15.911 -2.335  1.00 41.68 ? 18  LEU A C   1 
ATOM   133 O  O   . LEU A 1 18 ? 2.527   -16.507 -1.264  1.00 42.25 ? 18  LEU A O   1 
ATOM   134 C  CB  . LEU A 1 18 ? 0.081   -15.332 -2.245  1.00 41.59 ? 18  LEU A CB  1 
ATOM   135 C  CG  . LEU A 1 18 ? -1.117  -14.360 -2.181  1.00 43.44 ? 18  LEU A CG  1 
ATOM   136 C  CD1 . LEU A 1 18 ? -2.056  -14.700 -1.075  1.00 45.94 ? 18  LEU A CD1 1 
ATOM   137 C  CD2 . LEU A 1 18 ? -0.664  -12.931 -2.016  1.00 44.54 ? 18  LEU A CD2 1 
ATOM   138 N  N   . SER A 1 19 ? 3.202   -16.257 -3.372  1.00 42.37 ? 19  SER A N   1 
ATOM   139 C  CA  . SER A 1 19 ? 4.200   -17.350 -3.223  1.00 42.74 ? 19  SER A CA  1 
ATOM   140 C  C   . SER A 1 19 ? 5.530   -16.830 -2.708  1.00 43.47 ? 19  SER A C   1 
ATOM   141 O  O   . SER A 1 19 ? 6.440   -17.633 -2.393  1.00 44.02 ? 19  SER A O   1 
ATOM   142 C  CB  . SER A 1 19 ? 4.480   -18.019 -4.553  1.00 41.40 ? 19  SER A CB  1 
ATOM   143 O  OG  . SER A 1 19 ? 5.098   -17.071 -5.371  1.00 43.63 ? 19  SER A OG  1 
ATOM   144 N  N   . LEU A 1 20 ? 5.685   -15.497 -2.679  1.00 43.84 ? 20  LEU A N   1 
ATOM   145 C  CA  . LEU A 1 20 ? 6.938   -14.901 -2.246  1.00 43.23 ? 20  LEU A CA  1 
ATOM   146 C  C   . LEU A 1 20 ? 7.170   -15.231 -0.773  1.00 43.95 ? 20  LEU A C   1 
ATOM   147 O  O   . LEU A 1 20 ? 6.249   -15.154 0.017   1.00 43.26 ? 20  LEU A O   1 
ATOM   148 C  CB  . LEU A 1 20 ? 6.894   -13.413 -2.496  1.00 42.99 ? 20  LEU A CB  1 
ATOM   149 C  CG  . LEU A 1 20 ? 6.667   -12.978 -3.946  1.00 41.56 ? 20  LEU A CG  1 
ATOM   150 C  CD1 . LEU A 1 20 ? 6.450   -11.503 -4.104  1.00 37.14 ? 20  LEU A CD1 1 
ATOM   151 C  CD2 . LEU A 1 20 ? 7.821   -13.444 -4.798  1.00 38.52 ? 20  LEU A CD2 1 
ATOM   152 N  N   . LYS A 1 21 ? 8.361   -15.698 -0.433  1.00 45.59 ? 21  LYS A N   1 
ATOM   153 C  CA  . LYS A 1 21 ? 8.625   -16.240 0.890   1.00 48.67 ? 21  LYS A CA  1 
ATOM   154 C  C   . LYS A 1 21 ? 9.334   -15.276 1.855   1.00 49.21 ? 21  LYS A C   1 
ATOM   155 O  O   . LYS A 1 21 ? 9.280   -15.456 3.069   1.00 49.66 ? 21  LYS A O   1 
ATOM   156 C  CB  . LYS A 1 21 ? 9.511   -17.461 0.785   1.00 50.03 ? 21  LYS A CB  1 
ATOM   157 C  CG  . LYS A 1 21 ? 8.792   -18.704 0.363   1.00 55.04 ? 21  LYS A CG  1 
ATOM   158 C  CD  . LYS A 1 21 ? 9.749   -19.719 -0.223  1.00 60.32 ? 21  LYS A CD  1 
ATOM   159 C  CE  . LYS A 1 21 ? 10.646  -20.379 0.838   1.00 64.43 ? 21  LYS A CE  1 
ATOM   160 N  NZ  . LYS A 1 21 ? 12.064  -20.708 0.269   1.00 68.79 ? 21  LYS A NZ  1 
ATOM   161 N  N   . ASP A 1 22 ? 10.009  -14.265 1.322   1.00 49.42 ? 22  ASP A N   1 
ATOM   162 C  CA  . ASP A 1 22 ? 10.721  -13.320 2.182   1.00 49.02 ? 22  ASP A CA  1 
ATOM   163 C  C   . ASP A 1 22 ? 10.999  -12.046 1.465   1.00 47.57 ? 22  ASP A C   1 
ATOM   164 O  O   . ASP A 1 22 ? 10.794  -11.954 0.251   1.00 46.78 ? 22  ASP A O   1 
ATOM   165 C  CB  . ASP A 1 22 ? 12.018  -13.937 2.640   1.00 48.93 ? 22  ASP A CB  1 
ATOM   166 C  CG  . ASP A 1 22 ? 12.978  -14.196 1.511   1.00 50.45 ? 22  ASP A CG  1 
ATOM   167 O  OD1 . ASP A 1 22 ? 13.318  -13.304 0.695   1.00 54.35 ? 22  ASP A OD1 1 
ATOM   168 O  OD2 . ASP A 1 22 ? 13.474  -15.320 1.493   1.00 55.42 ? 22  ASP A OD2 1 
ATOM   169 N  N   . LEU A 1 23 ? 11.529  -11.075 2.193   1.00 45.73 ? 23  LEU A N   1 
ATOM   170 C  CA  . LEU A 1 23 ? 11.708  -9.775  1.599   1.00 45.21 ? 23  LEU A CA  1 
ATOM   171 C  C   . LEU A 1 23 ? 12.694  -9.731  0.470   1.00 43.89 ? 23  LEU A C   1 
ATOM   172 O  O   . LEU A 1 23 ? 12.571  -8.877  -0.361  1.00 44.17 ? 23  LEU A O   1 
ATOM   173 C  CB  . LEU A 1 23 ? 12.046  -8.691  2.650   1.00 46.19 ? 23  LEU A CB  1 
ATOM   174 C  CG  . LEU A 1 23 ? 10.747  -8.044  3.209   1.00 46.93 ? 23  LEU A CG  1 
ATOM   175 C  CD1 . LEU A 1 23 ? 9.918   -9.096  3.963   1.00 46.30 ? 23  LEU A CD1 1 
ATOM   176 C  CD2 . LEU A 1 23 ? 11.046  -6.845  4.103   1.00 46.48 ? 23  LEU A CD2 1 
ATOM   177 N  N   . ASP A 1 24 ? 13.700  -10.580 0.451   1.00 43.77 ? 24  ASP A N   1 
ATOM   178 C  CA  . ASP A 1 24 ? 14.623  -10.584 -0.685  1.00 44.88 ? 24  ASP A CA  1 
ATOM   179 C  C   . ASP A 1 24 ? 13.908  -11.054 -1.972  1.00 43.51 ? 24  ASP A C   1 
ATOM   180 O  O   . ASP A 1 24 ? 14.180  -10.556 -3.039  1.00 42.80 ? 24  ASP A O   1 
ATOM   181 C  CB  . ASP A 1 24 ? 15.766  -11.522 -0.425  1.00 45.36 ? 24  ASP A CB  1 
ATOM   182 C  CG  . ASP A 1 24 ? 16.601  -11.070 0.725   1.00 51.13 ? 24  ASP A CG  1 
ATOM   183 O  OD1 . ASP A 1 24 ? 17.033  -9.879  0.670   1.00 53.56 ? 24  ASP A OD1 1 
ATOM   184 O  OD2 . ASP A 1 24 ? 16.775  -11.881 1.679   1.00 55.71 ? 24  ASP A OD2 1 
ATOM   185 N  N   . GLU A 1 25 ? 13.006  -12.009 -1.826  1.00 42.01 ? 25  GLU A N   1 
ATOM   186 C  CA  . GLU A 1 25 ? 12.208  -12.486 -2.943  1.00 42.68 ? 25  GLU A CA  1 
ATOM   187 C  C   . GLU A 1 25 ? 11.267  -11.383 -3.394  1.00 42.53 ? 25  GLU A C   1 
ATOM   188 O  O   . GLU A 1 25 ? 11.126  -11.168 -4.616  1.00 44.44 ? 25  GLU A O   1 
ATOM   189 C  CB  . GLU A 1 25 ? 11.412  -13.716 -2.564  1.00 42.01 ? 25  GLU A CB  1 
ATOM   190 C  CG  . GLU A 1 25 ? 12.281  -14.926 -2.430  1.00 44.33 ? 25  GLU A CG  1 
ATOM   191 C  CD  . GLU A 1 25 ? 11.534  -16.276 -2.353  1.00 47.86 ? 25  GLU A CD  1 
ATOM   192 O  OE1 . GLU A 1 25 ? 10.265  -16.333 -2.360  1.00 49.27 ? 25  GLU A OE1 1 
ATOM   193 O  OE2 . GLU A 1 25 ? 12.268  -17.302 -2.258  1.00 50.50 ? 25  GLU A OE2 1 
ATOM   194 N  N   . ALA A 1 26 ? 10.646  -10.693 -2.427  1.00 41.61 ? 26  ALA A N   1 
ATOM   195 C  CA  . ALA A 1 26 ? 9.796   -9.542  -2.737  1.00 40.88 ? 26  ALA A CA  1 
ATOM   196 C  C   . ALA A 1 26 ? 10.572  -8.517  -3.526  1.00 40.51 ? 26  ALA A C   1 
ATOM   197 O  O   . ALA A 1 26 ? 10.091  -8.034  -4.526  1.00 39.53 ? 26  ALA A O   1 
ATOM   198 C  CB  . ALA A 1 26 ? 9.190   -8.904  -1.476  1.00 39.22 ? 26  ALA A CB  1 
ATOM   199 N  N   . TYR A 1 27 ? 11.759  -8.155  -3.076  1.00 40.12 ? 27  TYR A N   1 
ATOM   200 C  CA  . TYR A 1 27 ? 12.540  -7.191  -3.836  1.00 41.34 ? 27  TYR A CA  1 
ATOM   201 C  C   . TYR A 1 27 ? 12.810  -7.652  -5.296  1.00 40.94 ? 27  TYR A C   1 
ATOM   202 O  O   . TYR A 1 27 ? 12.708  -6.899  -6.257  1.00 40.38 ? 27  TYR A O   1 
ATOM   203 C  CB  . TYR A 1 27 ? 13.894  -6.914  -3.108  1.00 42.55 ? 27  TYR A CB  1 
ATOM   204 C  CG  . TYR A 1 27 ? 13.844  -5.749  -2.116  1.00 45.86 ? 27  TYR A CG  1 
ATOM   205 C  CD1 . TYR A 1 27 ? 13.683  -5.972  -0.719  1.00 47.93 ? 27  TYR A CD1 1 
ATOM   206 C  CD2 . TYR A 1 27 ? 13.942  -4.424  -2.581  1.00 45.19 ? 27  TYR A CD2 1 
ATOM   207 C  CE1 . TYR A 1 27 ? 13.606  -4.887  0.181   1.00 48.27 ? 27  TYR A CE1 1 
ATOM   208 C  CE2 . TYR A 1 27 ? 13.852  -3.352  -1.711  1.00 47.80 ? 27  TYR A CE2 1 
ATOM   209 C  CZ  . TYR A 1 27 ? 13.681  -3.593  -0.326  1.00 46.24 ? 27  TYR A CZ  1 
ATOM   210 O  OH  . TYR A 1 27 ? 13.619  -2.521  0.509   1.00 46.41 ? 27  TYR A OH  1 
ATOM   211 N  N   . ASP A 1 28 ? 13.254  -8.879  -5.432  1.00 41.99 ? 28  ASP A N   1 
ATOM   212 C  CA  . ASP A 1 28 ? 13.563  -9.462  -6.756  1.00 42.91 ? 28  ASP A CA  1 
ATOM   213 C  C   . ASP A 1 28 ? 12.359  -9.439  -7.674  1.00 42.15 ? 28  ASP A C   1 
ATOM   214 O  O   . ASP A 1 28 ? 12.420  -8.974  -8.794  1.00 41.92 ? 28  ASP A O   1 
ATOM   215 C  CB  . ASP A 1 28 ? 13.967  -10.938 -6.592  1.00 43.21 ? 28  ASP A CB  1 
ATOM   216 C  CG  . ASP A 1 28 ? 15.360  -11.103 -6.005  1.00 45.04 ? 28  ASP A CG  1 
ATOM   217 O  OD1 . ASP A 1 28 ? 16.192  -10.110 -5.999  1.00 46.97 ? 28  ASP A OD1 1 
ATOM   218 O  OD2 . ASP A 1 28 ? 15.628  -12.253 -5.559  1.00 51.05 ? 28  ASP A OD2 1 
ATOM   219 N  N   . PHE A 1 29 ? 11.263  -9.967  -7.181  1.00 42.37 ? 29  PHE A N   1 
ATOM   220 C  CA  . PHE A 1 29 ? 10.040  -9.979  -7.967  1.00 42.92 ? 29  PHE A CA  1 
ATOM   221 C  C   . PHE A 1 29 ? 9.527   -8.588  -8.322  1.00 42.24 ? 29  PHE A C   1 
ATOM   222 O  O   . PHE A 1 29 ? 9.336   -8.298  -9.516  1.00 43.43 ? 29  PHE A O   1 
ATOM   223 C  CB  . PHE A 1 29 ? 8.956   -10.760 -7.247  1.00 43.34 ? 29  PHE A CB  1 
ATOM   224 C  CG  . PHE A 1 29 ? 7.676   -10.904 -8.047  1.00 45.34 ? 29  PHE A CG  1 
ATOM   225 C  CD1 . PHE A 1 29 ? 7.569   -11.876 -9.057  1.00 46.39 ? 29  PHE A CD1 1 
ATOM   226 C  CD2 . PHE A 1 29 ? 6.597   -10.081 -7.802  1.00 45.01 ? 29  PHE A CD2 1 
ATOM   227 C  CE1 . PHE A 1 29 ? 6.409   -12.004 -9.791  1.00 47.48 ? 29  PHE A CE1 1 
ATOM   228 C  CE2 . PHE A 1 29 ? 5.426   -10.195 -8.542  1.00 45.65 ? 29  PHE A CE2 1 
ATOM   229 C  CZ  . PHE A 1 29 ? 5.327   -11.168 -9.533  1.00 45.27 ? 29  PHE A CZ  1 
ATOM   230 N  N   . PHE A 1 30 ? 9.265   -7.726  -7.328  1.00 40.77 ? 30  PHE A N   1 
ATOM   231 C  CA  . PHE A 1 30 ? 8.644   -6.422  -7.650  1.00 39.51 ? 30  PHE A CA  1 
ATOM   232 C  C   . PHE A 1 30 ? 9.539   -5.552  -8.487  1.00 40.03 ? 30  PHE A C   1 
ATOM   233 O  O   . PHE A 1 30 ? 9.073   -4.769  -9.284  1.00 41.22 ? 30  PHE A O   1 
ATOM   234 C  CB  . PHE A 1 30 ? 8.109   -5.689  -6.395  1.00 37.98 ? 30  PHE A CB  1 
ATOM   235 C  CG  . PHE A 1 30 ? 6.856   -6.280  -5.876  1.00 34.90 ? 30  PHE A CG  1 
ATOM   236 C  CD1 . PHE A 1 30 ? 6.879   -7.168  -4.868  1.00 35.69 ? 30  PHE A CD1 1 
ATOM   237 C  CD2 . PHE A 1 30 ? 5.673   -6.011  -6.470  1.00 34.64 ? 30  PHE A CD2 1 
ATOM   238 C  CE1 . PHE A 1 30 ? 5.740   -7.750  -4.419  1.00 36.73 ? 30  PHE A CE1 1 
ATOM   239 C  CE2 . PHE A 1 30 ? 4.507   -6.590  -6.034  1.00 37.57 ? 30  PHE A CE2 1 
ATOM   240 C  CZ  . PHE A 1 30 ? 4.546   -7.467  -5.013  1.00 36.80 ? 30  PHE A CZ  1 
ATOM   241 N  N   . GLU A 1 31 ? 10.831  -5.692  -8.326  1.00 41.86 ? 31  GLU A N   1 
ATOM   242 C  CA  . GLU A 1 31 ? 11.749  -4.959  -9.154  1.00 43.79 ? 31  GLU A CA  1 
ATOM   243 C  C   . GLU A 1 31 ? 11.727  -5.499  -10.574 1.00 44.13 ? 31  GLU A C   1 
ATOM   244 O  O   . GLU A 1 31 ? 11.954  -4.742  -11.493 1.00 42.58 ? 31  GLU A O   1 
ATOM   245 C  CB  . GLU A 1 31 ? 13.175  -5.004  -8.629  1.00 45.05 ? 31  GLU A CB  1 
ATOM   246 C  CG  . GLU A 1 31 ? 13.448  -4.108  -7.425  1.00 49.60 ? 31  GLU A CG  1 
ATOM   247 C  CD  . GLU A 1 31 ? 14.959  -4.137  -6.963  1.00 57.78 ? 31  GLU A CD  1 
ATOM   248 O  OE1 . GLU A 1 31 ? 15.795  -3.428  -7.578  1.00 64.95 ? 31  GLU A OE1 1 
ATOM   249 O  OE2 . GLU A 1 31 ? 15.314  -4.853  -5.997  1.00 62.11 ? 31  GLU A OE2 1 
ATOM   250 N  N   . ASP A 1 32 ? 11.429  -6.779  -10.763 1.00 44.79 ? 32  ASP A N   1 
ATOM   251 C  CA  . ASP A 1 32 ? 11.289  -7.283  -12.138 1.00 45.68 ? 32  ASP A CA  1 
ATOM   252 C  C   . ASP A 1 32 ? 10.018  -6.786  -12.775 1.00 45.80 ? 32  ASP A C   1 
ATOM   253 O  O   . ASP A 1 32 ? 10.045  -6.360  -13.920 1.00 46.81 ? 32  ASP A O   1 
ATOM   254 C  CB  . ASP A 1 32 ? 11.358  -8.821  -12.207 1.00 46.03 ? 32  ASP A CB  1 
ATOM   255 C  CG  . ASP A 1 32 ? 12.790  -9.335  -12.056 1.00 46.60 ? 32  ASP A CG  1 
ATOM   256 O  OD1 . ASP A 1 32 ? 13.719  -8.521  -12.135 1.00 48.23 ? 32  ASP A OD1 1 
ATOM   257 O  OD2 . ASP A 1 32 ? 13.000  -10.544 -11.844 1.00 50.87 ? 32  ASP A OD2 1 
ATOM   258 N  N   . VAL A 1 33 ? 8.934   -6.772  -12.013 1.00 46.13 ? 33  VAL A N   1 
ATOM   259 C  CA  . VAL A 1 33 ? 7.610   -6.434  -12.544 1.00 45.71 ? 33  VAL A CA  1 
ATOM   260 C  C   . VAL A 1 33 ? 7.320   -4.948  -12.590 1.00 46.67 ? 33  VAL A C   1 
ATOM   261 O  O   . VAL A 1 33 ? 6.493   -4.520  -13.409 1.00 47.70 ? 33  VAL A O   1 
ATOM   262 C  CB  . VAL A 1 33 ? 6.500   -7.019  -11.701 1.00 46.33 ? 33  VAL A CB  1 
ATOM   263 C  CG1 . VAL A 1 33 ? 5.088   -6.764  -12.354 1.00 44.08 ? 33  VAL A CG1 1 
ATOM   264 C  CG2 . VAL A 1 33 ? 6.752   -8.470  -11.494 1.00 44.47 ? 33  VAL A CG2 1 
ATOM   265 N  N   . CYS A 1 34 ? 7.941   -4.156  -11.712 1.00 45.98 ? 34  CYS A N   1 
ATOM   266 C  CA  . CYS A 1 34 ? 7.581   -2.739  -11.585 1.00 45.27 ? 34  CYS A CA  1 
ATOM   267 C  C   . CYS A 1 34 ? 8.771   -1.875  -11.828 1.00 45.22 ? 34  CYS A C   1 
ATOM   268 O  O   . CYS A 1 34 ? 9.899   -2.317  -11.686 1.00 46.04 ? 34  CYS A O   1 
ATOM   269 C  CB  . CYS A 1 34 ? 7.138   -2.436  -10.154 1.00 46.36 ? 34  CYS A CB  1 
ATOM   270 S  SG  . CYS A 1 34 ? 5.542   -3.084  -9.631  1.00 45.55 ? 34  CYS A SG  1 
ATOM   271 N  N   . THR A 1 35 ? 8.505   -0.618  -12.112 1.00 45.04 ? 35  THR A N   1 
ATOM   272 C  CA  . THR A 1 35 ? 9.516   0.415   -12.083 1.00 45.22 ? 35  THR A CA  1 
ATOM   273 C  C   . THR A 1 35 ? 9.783   0.869   -10.627 1.00 46.24 ? 35  THR A C   1 
ATOM   274 O  O   . THR A 1 35 ? 8.983   0.609   -9.689  1.00 46.10 ? 35  THR A O   1 
ATOM   275 C  CB  . THR A 1 35 ? 9.062   1.627   -12.904 1.00 45.34 ? 35  THR A CB  1 
ATOM   276 O  OG1 . THR A 1 35 ? 7.986   2.268   -12.227 1.00 42.93 ? 35  THR A OG1 1 
ATOM   277 C  CG2 . THR A 1 35 ? 8.572   1.175   -14.297 1.00 43.24 ? 35  THR A CG2 1 
ATOM   278 N  N   . ILE A 1 36 ? 10.914  1.544   -10.439 1.00 46.67 ? 36  ILE A N   1 
ATOM   279 C  CA  . ILE A 1 36 ? 11.305  2.000   -9.120  1.00 46.74 ? 36  ILE A CA  1 
ATOM   280 C  C   . ILE A 1 36 ? 10.227  2.939   -8.627  1.00 46.20 ? 36  ILE A C   1 
ATOM   281 O  O   . ILE A 1 36 ? 9.752   2.833   -7.480  1.00 46.79 ? 36  ILE A O   1 
ATOM   282 C  CB  . ILE A 1 36 ? 12.688  2.696   -9.113  1.00 47.40 ? 36  ILE A CB  1 
ATOM   283 C  CG1 . ILE A 1 36 ? 13.801  1.639   -9.258  1.00 49.09 ? 36  ILE A CG1 1 
ATOM   284 C  CG2 . ILE A 1 36 ? 12.888  3.518   -7.794  1.00 45.66 ? 36  ILE A CG2 1 
ATOM   285 C  CD1 . ILE A 1 36 ? 13.973  1.128   -10.701 1.00 53.78 ? 36  ILE A CD1 1 
ATOM   286 N  N   . ASN A 1 37 ? 9.796   3.812   -9.509  1.00 44.81 ? 37  ASN A N   1 
ATOM   287 C  CA  . ASN A 1 37 ? 8.849   4.799   -9.124  1.00 44.77 ? 37  ASN A CA  1 
ATOM   288 C  C   . ASN A 1 37 ? 7.507   4.226   -8.760  1.00 43.69 ? 37  ASN A C   1 
ATOM   289 O  O   . ASN A 1 37 ? 6.791   4.750   -7.892  1.00 43.14 ? 37  ASN A O   1 
ATOM   290 C  CB  . ASN A 1 37 ? 8.694   5.772   -10.264 1.00 44.93 ? 37  ASN A CB  1 
ATOM   291 C  CG  . ASN A 1 37 ? 9.915   6.699   -10.428 1.00 49.10 ? 37  ASN A CG  1 
ATOM   292 O  OD1 . ASN A 1 37 ? 10.019  7.379   -11.440 1.00 55.38 ? 37  ASN A OD1 1 
ATOM   293 N  ND2 . ASN A 1 37 ? 10.835  6.716   -9.455  1.00 51.89 ? 37  ASN A ND2 1 
ATOM   294 N  N   . GLU A 1 38 ? 7.127   3.163   -9.441  1.00 41.98 ? 38  GLU A N   1 
ATOM   295 C  CA  . GLU A 1 38 ? 5.891   2.504   -9.072  1.00 41.13 ? 38  GLU A CA  1 
ATOM   296 C  C   . GLU A 1 38 ? 5.993   1.926   -7.688  1.00 39.59 ? 38  GLU A C   1 
ATOM   297 O  O   . GLU A 1 38 ? 5.094   2.072   -6.919  1.00 39.47 ? 38  GLU A O   1 
ATOM   298 C  CB  . GLU A 1 38 ? 5.577   1.350   -10.037 1.00 42.23 ? 38  GLU A CB  1 
ATOM   299 C  CG  . GLU A 1 38 ? 5.183   1.819   -11.426 1.00 43.14 ? 38  GLU A CG  1 
ATOM   300 C  CD  . GLU A 1 38 ? 5.052   0.650   -12.442 1.00 47.71 ? 38  GLU A CD  1 
ATOM   301 O  OE1 . GLU A 1 38 ? 5.512   -0.490  -12.170 1.00 49.15 ? 38  GLU A OE1 1 
ATOM   302 O  OE2 . GLU A 1 38 ? 4.483   0.892   -13.514 1.00 48.65 ? 38  GLU A OE2 1 
ATOM   303 N  N   . ILE A 1 39 ? 7.080   1.230   -7.392  1.00 38.19 ? 39  ILE A N   1 
ATOM   304 C  CA  . ILE A 1 39 ? 7.233   0.665   -6.067  1.00 38.49 ? 39  ILE A CA  1 
ATOM   305 C  C   . ILE A 1 39 ? 7.254   1.810   -5.045  1.00 40.25 ? 39  ILE A C   1 
ATOM   306 O  O   . ILE A 1 39 ? 6.560   1.742   -4.067  1.00 42.03 ? 39  ILE A O   1 
ATOM   307 C  CB  . ILE A 1 39 ? 8.495   -0.151  -5.930  1.00 38.18 ? 39  ILE A CB  1 
ATOM   308 C  CG1 . ILE A 1 39 ? 8.445   -1.347  -6.916  1.00 36.89 ? 39  ILE A CG1 1 
ATOM   309 C  CG2 . ILE A 1 39 ? 8.665   -0.655  -4.436  1.00 37.23 ? 39  ILE A CG2 1 
ATOM   310 C  CD1 . ILE A 1 39 ? 9.745   -2.142  -6.959  1.00 37.43 ? 39  ILE A CD1 1 
ATOM   311 N  N   . LEU A 1 40 ? 7.997   2.881   -5.301  1.00 41.41 ? 40  LEU A N   1 
ATOM   312 C  CA  . LEU A 1 40 ? 8.040   4.025   -4.396  1.00 42.51 ? 40  LEU A CA  1 
ATOM   313 C  C   . LEU A 1 40 ? 6.666   4.644   -4.194  1.00 43.12 ? 40  LEU A C   1 
ATOM   314 O  O   . LEU A 1 40 ? 6.285   5.060   -3.102  1.00 43.79 ? 40  LEU A O   1 
ATOM   315 C  CB  . LEU A 1 40 ? 9.028   5.057   -4.899  1.00 42.27 ? 40  LEU A CB  1 
ATOM   316 C  CG  . LEU A 1 40 ? 10.512  4.710   -4.740  1.00 41.95 ? 40  LEU A CG  1 
ATOM   317 C  CD1 . LEU A 1 40 ? 11.326  5.836   -5.406  1.00 43.67 ? 40  LEU A CD1 1 
ATOM   318 C  CD2 . LEU A 1 40 ? 10.873  4.583   -3.298  1.00 42.74 ? 40  LEU A CD2 1 
ATOM   319 N  N   . SER A 1 41 ? 5.869   4.593   -5.234  1.00 43.82 ? 41  SER A N   1 
ATOM   320 C  CA  . SER A 1 41 ? 4.537   5.154   -5.174  1.00 44.27 ? 41  SER A CA  1 
ATOM   321 C  C   . SER A 1 41 ? 3.582   4.333   -4.338  1.00 44.59 ? 41  SER A C   1 
ATOM   322 O  O   . SER A 1 41 ? 2.776   4.903   -3.602  1.00 44.10 ? 41  SER A O   1 
ATOM   323 C  CB  . SER A 1 41 ? 4.032   5.344   -6.586  1.00 45.09 ? 41  SER A CB  1 
ATOM   324 O  OG  . SER A 1 41 ? 2.711   5.725   -6.493  1.00 48.07 ? 41  SER A OG  1 
ATOM   325 N  N   . LEU A 1 42 ? 3.713   3.000   -4.376  1.00 43.94 ? 42  LEU A N   1 
ATOM   326 C  CA  . LEU A 1 42 ? 2.874   2.156   -3.554  1.00 43.42 ? 42  LEU A CA  1 
ATOM   327 C  C   . LEU A 1 42 ? 3.304   2.214   -2.074  1.00 42.54 ? 42  LEU A C   1 
ATOM   328 O  O   . LEU A 1 42 ? 2.471   2.104   -1.183  1.00 41.66 ? 42  LEU A O   1 
ATOM   329 C  CB  . LEU A 1 42 ? 2.958   0.683   -4.014  1.00 44.05 ? 42  LEU A CB  1 
ATOM   330 C  CG  . LEU A 1 42 ? 2.543   0.274   -5.451  1.00 45.22 ? 42  LEU A CG  1 
ATOM   331 C  CD1 . LEU A 1 42 ? 2.594   -1.221  -5.539  1.00 43.27 ? 42  LEU A CD1 1 
ATOM   332 C  CD2 . LEU A 1 42 ? 1.156   0.821   -5.780  1.00 42.14 ? 42  LEU A CD2 1 
ATOM   333 N  N   . SER A 1 43 ? 4.612   2.255   -1.817  1.00 41.28 ? 43  SER A N   1 
ATOM   334 C  CA  . SER A 1 43 ? 5.110   2.364   -0.455  1.00 41.59 ? 43  SER A CA  1 
ATOM   335 C  C   . SER A 1 43 ? 4.729   3.730   0.190   1.00 40.96 ? 43  SER A C   1 
ATOM   336 O  O   . SER A 1 43 ? 4.507   3.787   1.372   1.00 40.27 ? 43  SER A O   1 
ATOM   337 C  CB  . SER A 1 43 ? 6.613   2.172   -0.407  1.00 41.88 ? 43  SER A CB  1 
ATOM   338 O  OG  . SER A 1 43 ? 7.222   3.098   -1.294  1.00 46.43 ? 43  SER A OG  1 
ATOM   339 N  N   . GLN A 1 44 ? 4.719   4.812   -0.586  1.00 40.66 ? 44  GLN A N   1 
ATOM   340 C  CA  . GLN A 1 44 ? 4.206   6.073   -0.111  1.00 41.23 ? 44  GLN A CA  1 
ATOM   341 C  C   . GLN A 1 44 ? 2.738   5.999   0.257   1.00 42.06 ? 44  GLN A C   1 
ATOM   342 O  O   . GLN A 1 44 ? 2.321   6.484   1.314   1.00 40.89 ? 44  GLN A O   1 
ATOM   343 C  CB  . GLN A 1 44 ? 4.371   7.118   -1.193  1.00 41.67 ? 44  GLN A CB  1 
ATOM   344 C  CG  . GLN A 1 44 ? 4.146   8.496   -0.750  1.00 42.35 ? 44  GLN A CG  1 
ATOM   345 C  CD  . GLN A 1 44 ? 4.268   9.486   -1.869  1.00 44.48 ? 44  GLN A CD  1 
ATOM   346 O  OE1 . GLN A 1 44 ? 3.391   9.589   -2.710  1.00 46.46 ? 44  GLN A OE1 1 
ATOM   347 N  NE2 . GLN A 1 44 ? 5.350   10.253  -1.865  1.00 46.67 ? 44  GLN A NE2 1 
ATOM   348 N  N   . ARG A 1 45 ? 1.921   5.399   -0.613  1.00 41.84 ? 45  ARG A N   1 
ATOM   349 C  CA  . ARG A 1 45 ? 0.508   5.280   -0.254  1.00 41.51 ? 45  ARG A CA  1 
ATOM   350 C  C   . ARG A 1 45 ? 0.343   4.446   0.992   1.00 39.78 ? 45  ARG A C   1 
ATOM   351 O  O   . ARG A 1 45 ? -0.467  4.754   1.823   1.00 38.23 ? 45  ARG A O   1 
ATOM   352 C  CB  . ARG A 1 45 ? -0.354  4.704   -1.374  1.00 42.28 ? 45  ARG A CB  1 
ATOM   353 C  CG  . ARG A 1 45 ? 0.151   5.141   -2.659  1.00 47.17 ? 45  ARG A CG  1 
ATOM   354 C  CD  . ARG A 1 45 ? -0.825  5.372   -3.642  1.00 50.69 ? 45  ARG A CD  1 
ATOM   355 N  NE  . ARG A 1 45 ? -0.984  4.275   -4.520  1.00 52.16 ? 45  ARG A NE  1 
ATOM   356 C  CZ  . ARG A 1 45 ? -0.857  4.282   -5.848  1.00 53.79 ? 45  ARG A CZ  1 
ATOM   357 N  NH1 . ARG A 1 45 ? -0.476  5.309   -6.536  1.00 56.30 ? 45  ARG A NH1 1 
ATOM   358 N  NH2 . ARG A 1 45 ? -1.138  3.195   -6.493  1.00 53.51 ? 45  ARG A NH2 1 
ATOM   359 N  N   . PHE A 1 46 ? 1.081   3.379   1.113   1.00 38.59 ? 46  PHE A N   1 
ATOM   360 C  CA  . PHE A 1 46 ? 0.922   2.558   2.269   1.00 39.30 ? 46  PHE A CA  1 
ATOM   361 C  C   . PHE A 1 46 ? 1.315   3.370   3.554   1.00 40.46 ? 46  PHE A C   1 
ATOM   362 O  O   . PHE A 1 46 ? 0.637   3.312   4.553   1.00 38.89 ? 46  PHE A O   1 
ATOM   363 C  CB  . PHE A 1 46 ? 1.792   1.335   2.153   1.00 40.07 ? 46  PHE A CB  1 
ATOM   364 C  CG  . PHE A 1 46 ? 1.618   0.368   3.281   1.00 39.08 ? 46  PHE A CG  1 
ATOM   365 C  CD1 . PHE A 1 46 ? 0.527   -0.476  3.305   1.00 41.65 ? 46  PHE A CD1 1 
ATOM   366 C  CD2 . PHE A 1 46 ? 2.537   0.291   4.306   1.00 41.08 ? 46  PHE A CD2 1 
ATOM   367 C  CE1 . PHE A 1 46 ? 0.346   -1.351  4.330   1.00 40.49 ? 46  PHE A CE1 1 
ATOM   368 C  CE2 . PHE A 1 46 ? 2.364   -0.629  5.352   1.00 38.35 ? 46  PHE A CE2 1 
ATOM   369 C  CZ  . PHE A 1 46 ? 1.262   -1.418  5.362   1.00 37.64 ? 46  PHE A CZ  1 
ATOM   370 N  N   . GLU A 1 47 ? 2.393   4.123   3.501   1.00 41.98 ? 47  GLU A N   1 
ATOM   371 C  CA  . GLU A 1 47 ? 2.862   4.898   4.688   1.00 43.54 ? 47  GLU A CA  1 
ATOM   372 C  C   . GLU A 1 47 ? 1.847   6.031   5.034   1.00 42.48 ? 47  GLU A C   1 
ATOM   373 O  O   . GLU A 1 47 ? 1.524   6.258   6.185   1.00 41.88 ? 47  GLU A O   1 
ATOM   374 C  CB  . GLU A 1 47 ? 4.255   5.489   4.426   1.00 43.85 ? 47  GLU A CB  1 
ATOM   375 C  CG  . GLU A 1 47 ? 4.965   5.945   5.703   1.00 48.91 ? 47  GLU A CG  1 
ATOM   376 C  CD  . GLU A 1 47 ? 6.334   6.568   5.439   1.00 50.96 ? 47  GLU A CD  1 
ATOM   377 O  OE1 . GLU A 1 47 ? 6.682   6.906   4.273   1.00 48.91 ? 47  GLU A OE1 1 
ATOM   378 O  OE2 . GLU A 1 47 ? 7.077   6.716   6.432   1.00 55.85 ? 47  GLU A OE2 1 
ATOM   379 N  N   . VAL A 1 48 ? 1.354   6.727   4.015   1.00 42.10 ? 48  VAL A N   1 
ATOM   380 C  CA  . VAL A 1 48 ? 0.279   7.710   4.205   1.00 41.44 ? 48  VAL A CA  1 
ATOM   381 C  C   . VAL A 1 48 ? -0.855  7.053   4.947   1.00 42.57 ? 48  VAL A C   1 
ATOM   382 O  O   . VAL A 1 48 ? -1.362  7.624   5.917   1.00 42.98 ? 48  VAL A O   1 
ATOM   383 C  CB  . VAL A 1 48 ? -0.192  8.313   2.893   1.00 41.33 ? 48  VAL A CB  1 
ATOM   384 C  CG1 . VAL A 1 48 ? -1.519  9.005   3.055   1.00 37.26 ? 48  VAL A CG1 1 
ATOM   385 C  CG2 . VAL A 1 48 ? 0.879   9.256   2.339   1.00 37.50 ? 48  VAL A CG2 1 
ATOM   386 N  N   . ALA A 1 49 ? -1.220  5.821   4.559   1.00 41.68 ? 49  ALA A N   1 
ATOM   387 C  CA  . ALA A 1 49 ? -2.393  5.220   5.126   1.00 40.36 ? 49  ALA A CA  1 
ATOM   388 C  C   . ALA A 1 49 ? -2.171  4.877   6.585   1.00 40.57 ? 49  ALA A C   1 
ATOM   389 O  O   . ALA A 1 49 ? -3.053  5.052   7.409   1.00 40.69 ? 49  ALA A O   1 
ATOM   390 C  CB  . ALA A 1 49 ? -2.798  3.991   4.354   1.00 41.15 ? 49  ALA A CB  1 
ATOM   391 N  N   . LYS A 1 50 ? -1.016  4.343   6.903   1.00 39.87 ? 50  LYS A N   1 
ATOM   392 C  CA  . LYS A 1 50 ? -0.663  4.042   8.255   1.00 40.69 ? 50  LYS A CA  1 
ATOM   393 C  C   . LYS A 1 50 ? -0.663  5.345   9.138   1.00 41.10 ? 50  LYS A C   1 
ATOM   394 O  O   . LYS A 1 50 ? -1.203  5.379   10.231  1.00 40.08 ? 50  LYS A O   1 
ATOM   395 C  CB  . LYS A 1 50 ? 0.751   3.484   8.256   1.00 40.92 ? 50  LYS A CB  1 
ATOM   396 C  CG  . LYS A 1 50 ? 1.208   3.119   9.648   1.00 43.30 ? 50  LYS A CG  1 
ATOM   397 C  CD  . LYS A 1 50 ? 2.597   2.525   9.648   1.00 45.07 ? 50  LYS A CD  1 
ATOM   398 C  CE  . LYS A 1 50 ? 3.653   3.590   9.251   1.00 46.25 ? 50  LYS A CE  1 
ATOM   399 N  NZ  . LYS A 1 50 ? 5.029   3.164   9.685   1.00 47.61 ? 50  LYS A NZ  1 
ATOM   400 N  N   . MET A 1 51 ? -0.025  6.391   8.639   1.00 40.75 ? 51  MET A N   1 
ATOM   401 C  CA  . MET A 1 51 ? 0.116   7.624   9.405   1.00 40.97 ? 51  MET A CA  1 
ATOM   402 C  C   . MET A 1 51 ? -1.305  8.190   9.560   1.00 41.06 ? 51  MET A C   1 
ATOM   403 O  O   . MET A 1 51 ? -1.649  8.773   10.578  1.00 41.76 ? 51  MET A O   1 
ATOM   404 C  CB  . MET A 1 51 ? 1.069   8.600   8.702   1.00 39.33 ? 51  MET A CB  1 
ATOM   405 C  CG  . MET A 1 51 ? 2.602   8.227   8.839   1.00 40.74 ? 51  MET A CG  1 
ATOM   406 S  SD  . MET A 1 51 ? 3.602   9.448   8.023   1.00 35.55 ? 51  MET A SD  1 
ATOM   407 C  CE  . MET A 1 51 ? 3.521   10.723  9.310   1.00 46.84 ? 51  MET A CE  1 
ATOM   408 N  N   . LEU A 1 52 ? -2.172  7.991   8.580   1.00 41.26 ? 52  LEU A N   1 
ATOM   409 C  CA  . LEU A 1 52 ? -3.555  8.544   8.696   1.00 39.75 ? 52  LEU A CA  1 
ATOM   410 C  C   . LEU A 1 52 ? -4.269  7.876   9.822   1.00 40.95 ? 52  LEU A C   1 
ATOM   411 O  O   . LEU A 1 52 ? -5.039  8.539   10.562  1.00 41.71 ? 52  LEU A O   1 
ATOM   412 C  CB  . LEU A 1 52 ? -4.388  8.370   7.440   1.00 39.00 ? 52  LEU A CB  1 
ATOM   413 C  CG  . LEU A 1 52 ? -4.158  9.358   6.293   1.00 38.47 ? 52  LEU A CG  1 
ATOM   414 C  CD1 . LEU A 1 52 ? -4.866  8.901   5.020   1.00 34.89 ? 52  LEU A CD1 1 
ATOM   415 C  CD2 . LEU A 1 52 ? -4.605  10.791  6.686   1.00 35.67 ? 52  LEU A CD2 1 
ATOM   416 N  N   . ARG A 1 53 ? -4.043  6.584   9.988   1.00 41.71 ? 53  ARG A N   1 
ATOM   417 C  CA  . ARG A 1 53 ? -4.698  5.856   11.063  1.00 43.39 ? 53  ARG A CA  1 
ATOM   418 C  C   . ARG A 1 53 ? -3.986  6.084   12.359  1.00 45.28 ? 53  ARG A C   1 
ATOM   419 O  O   . ARG A 1 53 ? -4.547  5.869   13.394  1.00 46.02 ? 53  ARG A O   1 
ATOM   420 C  CB  . ARG A 1 53 ? -4.742  4.358   10.800  1.00 43.82 ? 53  ARG A CB  1 
ATOM   421 C  CG  . ARG A 1 53 ? -5.728  3.933   9.697   1.00 45.82 ? 53  ARG A CG  1 
ATOM   422 C  CD  . ARG A 1 53 ? -7.158  4.220   10.076  1.00 48.35 ? 53  ARG A CD  1 
ATOM   423 N  NE  . ARG A 1 53 ? -8.141  3.564   9.214   1.00 51.91 ? 53  ARG A NE  1 
ATOM   424 C  CZ  . ARG A 1 53 ? -9.285  4.126   8.809   1.00 53.64 ? 53  ARG A CZ  1 
ATOM   425 N  NH1 . ARG A 1 53 ? -9.590  5.361   9.129   1.00 56.30 ? 53  ARG A NH1 1 
ATOM   426 N  NH2 . ARG A 1 53 ? -10.115 3.473   8.035   1.00 55.46 ? 53  ARG A NH2 1 
ATOM   427 N  N   . GLU A 1 54 ? -2.726  6.480   12.323  1.00 45.94 ? 54  GLU A N   1 
ATOM   428 C  CA  . GLU A 1 54 ? -2.081  6.932   13.519  1.00 46.03 ? 54  GLU A CA  1 
ATOM   429 C  C   . GLU A 1 54 ? -2.533  8.357   13.925  1.00 46.92 ? 54  GLU A C   1 
ATOM   430 O  O   . GLU A 1 54 ? -2.017  8.929   14.851  1.00 47.65 ? 54  GLU A O   1 
ATOM   431 C  CB  . GLU A 1 54 ? -0.576  6.890   13.285  1.00 46.32 ? 54  GLU A CB  1 
ATOM   432 C  CG  . GLU A 1 54 ? -0.012  5.493   13.323  1.00 45.19 ? 54  GLU A CG  1 
ATOM   433 C  CD  . GLU A 1 54 ? 1.443   5.466   12.883  1.00 47.78 ? 54  GLU A CD  1 
ATOM   434 O  OE1 . GLU A 1 54 ? 1.943   6.468   12.275  1.00 46.77 ? 54  GLU A OE1 1 
ATOM   435 O  OE2 . GLU A 1 54 ? 2.090   4.419   13.121  1.00 50.83 ? 54  GLU A OE2 1 
ATOM   436 N  N   . HIS A 1 55 ? -3.480  8.937   13.223  1.00 47.70 ? 55  HIS A N   1 
ATOM   437 C  CA  . HIS A 1 55 ? -4.041  10.232  13.585  1.00 48.84 ? 55  HIS A CA  1 
ATOM   438 C  C   . HIS A 1 55 ? -3.153  11.438  13.393  1.00 48.57 ? 55  HIS A C   1 
ATOM   439 O  O   . HIS A 1 55 ? -3.385  12.473  14.002  1.00 48.59 ? 55  HIS A O   1 
ATOM   440 C  CB  . HIS A 1 55 ? -4.587  10.182  14.994  1.00 50.12 ? 55  HIS A CB  1 
ATOM   441 C  CG  . HIS A 1 55 ? -5.972  9.668   15.038  1.00 55.00 ? 55  HIS A CG  1 
ATOM   442 N  ND1 . HIS A 1 55 ? -6.955  10.136  14.185  1.00 61.75 ? 55  HIS A ND1 1 
ATOM   443 C  CD2 . HIS A 1 55 ? -6.554  8.729   15.805  1.00 58.22 ? 55  HIS A CD2 1 
ATOM   444 C  CE1 . HIS A 1 55 ? -8.097  9.536   14.454  1.00 59.01 ? 55  HIS A CE1 1 
ATOM   445 N  NE2 . HIS A 1 55 ? -7.882  8.691   15.443  1.00 61.75 ? 55  HIS A NE2 1 
ATOM   446 N  N   . ARG A 1 56 ? -2.189  11.334  12.479  1.00 47.52 ? 56  ARG A N   1 
ATOM   447 C  CA  . ARG A 1 56 ? -1.300  12.422  12.166  1.00 46.47 ? 56  ARG A CA  1 
ATOM   448 C  C   . ARG A 1 56 ? -1.962  13.362  11.227  1.00 45.57 ? 56  ARG A C   1 
ATOM   449 O  O   . ARG A 1 56 ? -2.893  12.955  10.550  1.00 45.04 ? 56  ARG A O   1 
ATOM   450 C  CB  . ARG A 1 56 ? -0.049  11.882  11.514  1.00 47.18 ? 56  ARG A CB  1 
ATOM   451 C  CG  . ARG A 1 56 ? 0.548   10.689  12.247  1.00 50.84 ? 56  ARG A CG  1 
ATOM   452 C  CD  . ARG A 1 56 ? 0.778   11.077  13.699  1.00 56.56 ? 56  ARG A CD  1 
ATOM   453 N  NE  . ARG A 1 56 ? 1.443   12.375  13.677  1.00 61.02 ? 56  ARG A NE  1 
ATOM   454 C  CZ  . ARG A 1 56 ? 2.747   12.520  13.431  1.00 63.51 ? 56  ARG A CZ  1 
ATOM   455 N  NH1 . ARG A 1 56 ? 3.542   11.456  13.290  1.00 62.99 ? 56  ARG A NH1 1 
ATOM   456 N  NH2 . ARG A 1 56 ? 3.262   13.739  13.368  1.00 66.32 ? 56  ARG A NH2 1 
ATOM   457 N  N   . THR A 1 57 ? -1.482  14.616  11.188  1.00 43.97 ? 57  THR A N   1 
ATOM   458 C  CA  . THR A 1 57 ? -2.039  15.664  10.347  1.00 43.37 ? 57  THR A CA  1 
ATOM   459 C  C   . THR A 1 57 ? -1.518  15.532  8.932   1.00 43.86 ? 57  THR A C   1 
ATOM   460 O  O   . THR A 1 57 ? -0.470  14.923  8.706   1.00 42.72 ? 57  THR A O   1 
ATOM   461 C  CB  . THR A 1 57 ? -1.545  17.054  10.840  1.00 43.71 ? 57  THR A CB  1 
ATOM   462 O  OG1 . THR A 1 57 ? -0.108  17.053  10.779  1.00 42.47 ? 57  THR A OG1 1 
ATOM   463 C  CG2 . THR A 1 57 ? -2.005  17.271  12.312  1.00 41.24 ? 57  THR A CG2 1 
ATOM   464 N  N   . TYR A 1 58 ? -2.178  16.182  7.987   1.00 43.90 ? 58  TYR A N   1 
ATOM   465 C  CA  . TYR A 1 58 ? -1.727  16.087  6.616   1.00 45.67 ? 58  TYR A CA  1 
ATOM   466 C  C   . TYR A 1 58 ? -0.345  16.664  6.439   1.00 46.62 ? 58  TYR A C   1 
ATOM   467 O  O   . TYR A 1 58 ? 0.426   16.152  5.646   1.00 47.49 ? 58  TYR A O   1 
ATOM   468 C  CB  . TYR A 1 58 ? -2.683  16.807  5.669   1.00 46.67 ? 58  TYR A CB  1 
ATOM   469 C  CG  . TYR A 1 58 ? -3.908  16.062  5.178   1.00 46.85 ? 58  TYR A CG  1 
ATOM   470 C  CD1 . TYR A 1 58 ? -4.529  15.087  5.949   1.00 47.84 ? 58  TYR A CD1 1 
ATOM   471 C  CD2 . TYR A 1 58 ? -4.447  16.371  3.924   1.00 49.10 ? 58  TYR A CD2 1 
ATOM   472 C  CE1 . TYR A 1 58 ? -5.668  14.438  5.483   1.00 51.61 ? 58  TYR A CE1 1 
ATOM   473 C  CE2 . TYR A 1 58 ? -5.601  15.757  3.455   1.00 49.77 ? 58  TYR A CE2 1 
ATOM   474 C  CZ  . TYR A 1 58 ? -6.205  14.789  4.232   1.00 51.81 ? 58  TYR A CZ  1 
ATOM   475 O  OH  . TYR A 1 58 ? -7.331  14.151  3.767   1.00 56.56 ? 58  TYR A OH  1 
ATOM   476 N  N   . LEU A 1 59 ? -0.037  17.743  7.166   1.00 47.29 ? 59  LEU A N   1 
ATOM   477 C  CA  . LEU A 1 59 ? 1.298   18.363  7.161   1.00 47.75 ? 59  LEU A CA  1 
ATOM   478 C  C   . LEU A 1 59 ? 2.378   17.425  7.577   1.00 46.79 ? 59  LEU A C   1 
ATOM   479 O  O   . LEU A 1 59 ? 3.397   17.346  6.922   1.00 47.05 ? 59  LEU A O   1 
ATOM   480 C  CB  . LEU A 1 59 ? 1.365   19.551  8.133   1.00 48.92 ? 59  LEU A CB  1 
ATOM   481 C  CG  . LEU A 1 59 ? 2.596   20.467  8.055   1.00 50.38 ? 59  LEU A CG  1 
ATOM   482 C  CD1 . LEU A 1 59 ? 2.497   21.215  6.736   1.00 49.78 ? 59  LEU A CD1 1 
ATOM   483 C  CD2 . LEU A 1 59 ? 2.656   21.453  9.259   1.00 50.27 ? 59  LEU A CD2 1 
ATOM   484 N  N   . ASP A 1 60 ? 2.182   16.745  8.684   1.00 45.80 ? 60  ASP A N   1 
ATOM   485 C  CA  . ASP A 1 60 ? 3.156   15.794  9.103   1.00 46.99 ? 60  ASP A CA  1 
ATOM   486 C  C   . ASP A 1 60 ? 3.312   14.606  8.165   1.00 47.95 ? 60  ASP A C   1 
ATOM   487 O  O   . ASP A 1 60 ? 4.401   14.017  8.092   1.00 48.75 ? 60  ASP A O   1 
ATOM   488 C  CB  . ASP A 1 60 ? 2.818   15.274  10.488  1.00 47.91 ? 60  ASP A CB  1 
ATOM   489 C  CG  . ASP A 1 60 ? 3.054   16.345  11.590  1.00 51.56 ? 60  ASP A CG  1 
ATOM   490 O  OD1 . ASP A 1 60 ? 3.599   17.433  11.273  1.00 51.51 ? 60  ASP A OD1 1 
ATOM   491 O  OD2 . ASP A 1 60 ? 2.667   16.108  12.762  1.00 54.26 ? 60  ASP A OD2 1 
ATOM   492 N  N   . ILE A 1 61 ? 2.217   14.205  7.518   1.00 47.66 ? 61  ILE A N   1 
ATOM   493 C  CA  . ILE A 1 61 ? 2.259   13.116  6.582   1.00 46.88 ? 61  ILE A CA  1 
ATOM   494 C  C   . ILE A 1 61 ? 2.992   13.601  5.351   1.00 47.83 ? 61  ILE A C   1 
ATOM   495 O  O   . ILE A 1 61 ? 3.870   12.905  4.886   1.00 47.66 ? 61  ILE A O   1 
ATOM   496 C  CB  . ILE A 1 61 ? 0.868   12.616  6.197   1.00 46.16 ? 61  ILE A CB  1 
ATOM   497 C  CG1 . ILE A 1 61 ? 0.239   11.940  7.435   1.00 42.66 ? 61  ILE A CG1 1 
ATOM   498 C  CG2 . ILE A 1 61 ? 1.013   11.661  4.958   1.00 45.91 ? 61  ILE A CG2 1 
ATOM   499 C  CD1 . ILE A 1 61 ? -1.263  11.735  7.384   1.00 40.59 ? 61  ILE A CD1 1 
ATOM   500 N  N   . ALA A 1 62 ? 2.660   14.792  4.832   1.00 49.06 ? 62  ALA A N   1 
ATOM   501 C  CA  . ALA A 1 62 ? 3.344   15.303  3.655   1.00 50.56 ? 62  ALA A CA  1 
ATOM   502 C  C   . ALA A 1 62 ? 4.832   15.480  3.887   1.00 52.84 ? 62  ALA A C   1 
ATOM   503 O  O   . ALA A 1 62 ? 5.648   15.233  2.995   1.00 54.34 ? 62  ALA A O   1 
ATOM   504 C  CB  . ALA A 1 62 ? 2.742   16.569  3.164   1.00 50.12 ? 62  ALA A CB  1 
ATOM   505 N  N   . GLU A 1 63 ? 5.212   15.853  5.089   1.00 54.16 ? 63  GLU A N   1 
ATOM   506 C  CA  . GLU A 1 63 ? 6.609   15.965  5.390   1.00 55.63 ? 63  GLU A CA  1 
ATOM   507 C  C   . GLU A 1 63 ? 7.314   14.654  5.414   1.00 54.69 ? 63  GLU A C   1 
ATOM   508 O  O   . GLU A 1 63 ? 8.335   14.498  4.802   1.00 55.41 ? 63  GLU A O   1 
ATOM   509 C  CB  . GLU A 1 63 ? 6.794   16.656  6.737   1.00 57.56 ? 63  GLU A CB  1 
ATOM   510 C  CG  . GLU A 1 63 ? 6.590   18.191  6.603   1.00 63.51 ? 63  GLU A CG  1 
ATOM   511 C  CD  . GLU A 1 63 ? 6.746   18.963  7.935   1.00 72.42 ? 63  GLU A CD  1 
ATOM   512 O  OE1 . GLU A 1 63 ? 6.993   18.294  9.008   1.00 76.56 ? 63  GLU A OE1 1 
ATOM   513 O  OE2 . GLU A 1 63 ? 6.592   20.231  7.888   1.00 75.38 ? 63  GLU A OE2 1 
ATOM   514 N  N   . LYS A 1 64 ? 6.798   13.720  6.174   1.00 53.62 ? 64  LYS A N   1 
ATOM   515 C  CA  . LYS A 1 64 ? 7.477   12.501  6.388   1.00 52.48 ? 64  LYS A CA  1 
ATOM   516 C  C   . LYS A 1 64 ? 7.481   11.617  5.121   1.00 53.19 ? 64  LYS A C   1 
ATOM   517 O  O   . LYS A 1 64 ? 8.396   10.833  4.922   1.00 53.73 ? 64  LYS A O   1 
ATOM   518 C  CB  . LYS A 1 64 ? 6.758   11.814  7.516   1.00 52.38 ? 64  LYS A CB  1 
ATOM   519 C  CG  . LYS A 1 64 ? 7.070   10.369  7.706   1.00 53.94 ? 64  LYS A CG  1 
ATOM   520 C  CD  . LYS A 1 64 ? 8.329   10.206  8.443   1.00 56.64 ? 64  LYS A CD  1 
ATOM   521 C  CE  . LYS A 1 64 ? 8.715   8.751   8.682   1.00 57.35 ? 64  LYS A CE  1 
ATOM   522 N  NZ  . LYS A 1 64 ? 9.820   8.254   7.745   1.00 61.09 ? 64  LYS A NZ  1 
ATOM   523 N  N   . THR A 1 65 ? 6.456   11.706  4.287   1.00 52.76 ? 65  THR A N   1 
ATOM   524 C  CA  . THR A 1 65 ? 6.294   10.726  3.223   1.00 52.30 ? 65  THR A CA  1 
ATOM   525 C  C   . THR A 1 65 ? 6.611   11.344  1.871   1.00 52.97 ? 65  THR A C   1 
ATOM   526 O  O   . THR A 1 65 ? 6.904   10.631  0.915   1.00 55.06 ? 65  THR A O   1 
ATOM   527 C  CB  . THR A 1 65 ? 4.851   10.159  3.152   1.00 52.25 ? 65  THR A CB  1 
ATOM   528 O  OG1 . THR A 1 65 ? 3.952   11.197  2.709   1.00 50.26 ? 65  THR A OG1 1 
ATOM   529 C  CG2 . THR A 1 65 ? 4.416   9.561   4.470   1.00 49.43 ? 65  THR A CG2 1 
ATOM   530 N  N   . GLY A 1 66 ? 6.513   12.659  1.756   1.00 52.65 ? 66  GLY A N   1 
ATOM   531 C  CA  . GLY A 1 66 ? 6.692   13.313  0.481   1.00 50.82 ? 66  GLY A CA  1 
ATOM   532 C  C   . GLY A 1 66 ? 5.418   13.437  -0.295  1.00 50.77 ? 66  GLY A C   1 
ATOM   533 O  O   . GLY A 1 66 ? 5.368   14.181  -1.280  1.00 51.38 ? 66  GLY A O   1 
ATOM   534 N  N   . ALA A 1 67 ? 4.359   12.747  0.123   1.00 50.35 ? 67  ALA A N   1 
ATOM   535 C  CA  . ALA A 1 67 ? 3.106   12.772  -0.631  1.00 49.29 ? 67  ALA A CA  1 
ATOM   536 C  C   . ALA A 1 67 ? 2.553   14.202  -0.708  1.00 49.82 ? 67  ALA A C   1 
ATOM   537 O  O   . ALA A 1 67 ? 2.659   14.979  0.253   1.00 49.04 ? 67  ALA A O   1 
ATOM   538 C  CB  . ALA A 1 67 ? 2.094   11.854  0.008   1.00 48.48 ? 67  ALA A CB  1 
ATOM   539 N  N   . SER A 1 68 ? 1.960   14.544  -1.841  1.00 50.23 ? 68  SER A N   1 
ATOM   540 C  CA  . SER A 1 68 ? 1.200   15.755  -1.930  1.00 51.25 ? 68  SER A CA  1 
ATOM   541 C  C   . SER A 1 68 ? -0.108  15.529  -1.186  1.00 51.93 ? 68  SER A C   1 
ATOM   542 O  O   . SER A 1 68 ? -0.491  14.387  -0.929  1.00 52.16 ? 68  SER A O   1 
ATOM   543 C  CB  . SER A 1 68 ? 0.843   15.999  -3.368  1.00 51.31 ? 68  SER A CB  1 
ATOM   544 O  OG  . SER A 1 68 ? -0.020  14.959  -3.750  1.00 51.94 ? 68  SER A OG  1 
ATOM   545 N  N   . THR A 1 69 ? -0.817  16.598  -0.852  1.00 52.35 ? 69  THR A N   1 
ATOM   546 C  CA  . THR A 1 69 ? -2.049  16.456  -0.063  1.00 52.46 ? 69  THR A CA  1 
ATOM   547 C  C   . THR A 1 69 ? -3.186  15.863  -0.909  1.00 52.53 ? 69  THR A C   1 
ATOM   548 O  O   . THR A 1 69 ? -4.143  15.257  -0.395  1.00 53.42 ? 69  THR A O   1 
ATOM   549 C  CB  . THR A 1 69 ? -2.490  17.818  0.587   1.00 52.36 ? 69  THR A CB  1 
ATOM   550 O  OG1 . THR A 1 69 ? -2.743  18.787  -0.433  1.00 49.87 ? 69  THR A OG1 1 
ATOM   551 C  CG2 . THR A 1 69 ? -1.416  18.311  1.570   1.00 51.39 ? 69  THR A CG2 1 
ATOM   552 N  N   . ALA A 1 70 ? -3.057  16.019  -2.214  1.00 52.31 ? 70  ALA A N   1 
ATOM   553 C  CA  . ALA A 1 70 ? -3.946  15.351  -3.124  1.00 51.75 ? 70  ALA A CA  1 
ATOM   554 C  C   . ALA A 1 70 ? -3.758  13.849  -3.043  1.00 51.39 ? 70  ALA A C   1 
ATOM   555 O  O   . ALA A 1 70 ? -4.741  13.139  -2.954  1.00 52.30 ? 70  ALA A O   1 
ATOM   556 C  CB  . ALA A 1 70 ? -3.709  15.846  -4.500  1.00 51.96 ? 70  ALA A CB  1 
ATOM   557 N  N   . THR A 1 71 ? -2.510  13.348  -3.064  1.00 50.73 ? 71  THR A N   1 
ATOM   558 C  CA  . THR A 1 71 ? -2.267  11.928  -2.813  1.00 48.96 ? 71  THR A CA  1 
ATOM   559 C  C   . THR A 1 71 ? -2.814  11.535  -1.476  1.00 48.12 ? 71  THR A C   1 
ATOM   560 O  O   . THR A 1 71 ? -3.389  10.458  -1.330  1.00 49.15 ? 71  THR A O   1 
ATOM   561 C  CB  . THR A 1 71 ? -0.757  11.555  -2.775  1.00 49.67 ? 71  THR A CB  1 
ATOM   562 O  OG1 . THR A 1 71 ? -0.181  11.824  -4.037  1.00 50.07 ? 71  THR A OG1 1 
ATOM   563 C  CG2 . THR A 1 71 ? -0.529  10.056  -2.454  1.00 46.02 ? 71  THR A CG2 1 
ATOM   564 N  N   . ILE A 1 72 ? -2.607  12.364  -0.457  1.00 47.20 ? 72  ILE A N   1 
ATOM   565 C  CA  . ILE A 1 72 ? -3.065  11.970  0.888   1.00 45.62 ? 72  ILE A CA  1 
ATOM   566 C  C   . ILE A 1 72 ? -4.558  11.794  0.873   1.00 45.61 ? 72  ILE A C   1 
ATOM   567 O  O   . ILE A 1 72 ? -5.095  10.842  1.424   1.00 45.88 ? 72  ILE A O   1 
ATOM   568 C  CB  . ILE A 1 72 ? -2.674  12.997  1.971   1.00 45.06 ? 72  ILE A CB  1 
ATOM   569 C  CG1 . ILE A 1 72 ? -1.160  13.025  2.119   1.00 44.70 ? 72  ILE A CG1 1 
ATOM   570 C  CG2 . ILE A 1 72 ? -3.308  12.657  3.297   1.00 40.50 ? 72  ILE A CG2 1 
ATOM   571 C  CD1 . ILE A 1 72 ? -0.591  14.267  2.928   1.00 41.60 ? 72  ILE A CD1 1 
ATOM   572 N  N   . SER A 1 73 ? -5.243  12.728  0.232   1.00 47.15 ? 73  SER A N   1 
ATOM   573 C  CA  . SER A 1 73 ? -6.714  12.691  0.160   1.00 47.59 ? 73  SER A CA  1 
ATOM   574 C  C   . SER A 1 73 ? -7.236  11.464  -0.610  1.00 48.30 ? 73  SER A C   1 
ATOM   575 O  O   . SER A 1 73 ? -8.141  10.766  -0.143  1.00 48.62 ? 73  SER A O   1 
ATOM   576 C  CB  . SER A 1 73 ? -7.255  14.022  -0.412  1.00 48.68 ? 73  SER A CB  1 
ATOM   577 O  OG  . SER A 1 73 ? -7.061  15.098  0.538   1.00 46.39 ? 73  SER A OG  1 
ATOM   578 N  N   . ARG A 1 74 ? -6.602  11.139  -1.743  1.00 48.44 ? 74  ARG A N   1 
ATOM   579 C  CA  . ARG A 1 74 ? -6.935  9.890   -2.461  1.00 48.25 ? 74  ARG A CA  1 
ATOM   580 C  C   . ARG A 1 74 ? -6.765  8.649   -1.593  1.00 46.26 ? 74  ARG A C   1 
ATOM   581 O  O   . ARG A 1 74 ? -7.667  7.870   -1.512  1.00 46.95 ? 74  ARG A O   1 
ATOM   582 C  CB  . ARG A 1 74 ? -6.072  9.728   -3.722  1.00 49.73 ? 74  ARG A CB  1 
ATOM   583 C  CG  . ARG A 1 74 ? -6.651  10.359  -4.965  1.00 52.05 ? 74  ARG A CG  1 
ATOM   584 C  CD  . ARG A 1 74 ? -6.058  9.779   -6.243  1.00 53.55 ? 74  ARG A CD  1 
ATOM   585 N  NE  . ARG A 1 74 ? -4.631  10.020  -6.307  1.00 59.18 ? 74  ARG A NE  1 
ATOM   586 C  CZ  . ARG A 1 74 ? -4.053  11.212  -6.509  1.00 63.53 ? 74  ARG A CZ  1 
ATOM   587 N  NH1 . ARG A 1 74 ? -4.782  12.312  -6.686  1.00 65.13 ? 74  ARG A NH1 1 
ATOM   588 N  NH2 . ARG A 1 74 ? -2.720  11.312  -6.520  1.00 64.39 ? 74  ARG A NH2 1 
ATOM   589 N  N   . VAL A 1 75 ? -5.624  8.492   -0.915  1.00 44.75 ? 75  VAL A N   1 
ATOM   590 C  CA  . VAL A 1 75 ? -5.415  7.339   -0.038  1.00 42.30 ? 75  VAL A CA  1 
ATOM   591 C  C   . VAL A 1 75 ? -6.504  7.299   1.003   1.00 43.31 ? 75  VAL A C   1 
ATOM   592 O  O   . VAL A 1 75 ? -7.038  6.238   1.380   1.00 42.74 ? 75  VAL A O   1 
ATOM   593 C  CB  . VAL A 1 75 ? -4.098  7.408   0.709   1.00 41.51 ? 75  VAL A CB  1 
ATOM   594 C  CG1 . VAL A 1 75 ? -4.096  6.362   1.849   1.00 38.61 ? 75  VAL A CG1 1 
ATOM   595 C  CG2 . VAL A 1 75 ? -2.964  7.209   -0.231  1.00 39.61 ? 75  VAL A CG2 1 
ATOM   596 N  N   . ASN A 1 76 ? -6.817  8.480   1.514   1.00 43.96 ? 76  ASN A N   1 
ATOM   597 C  CA  . ASN A 1 76 ? -7.810  8.538   2.560   1.00 44.47 ? 76  ASN A CA  1 
ATOM   598 C  C   . ASN A 1 76 ? -9.185  8.024   2.092   1.00 44.16 ? 76  ASN A C   1 
ATOM   599 O  O   . ASN A 1 76 ? -9.905  7.404   2.844   1.00 43.23 ? 76  ASN A O   1 
ATOM   600 C  CB  . ASN A 1 76 ? -7.885  9.935   3.119   1.00 45.47 ? 76  ASN A CB  1 
ATOM   601 C  CG  . ASN A 1 76 ? -8.720  9.991   4.380   1.00 46.79 ? 76  ASN A CG  1 
ATOM   602 O  OD1 . ASN A 1 76 ? -9.762  10.585  4.367   1.00 47.93 ? 76  ASN A OD1 1 
ATOM   603 N  ND2 . ASN A 1 76 ? -8.288  9.330   5.434   1.00 47.27 ? 76  ASN A ND2 1 
ATOM   604 N  N   . ARG A 1 77 ? -9.523  8.240   0.841   1.00 45.65 ? 77  ARG A N   1 
ATOM   605 C  CA  . ARG A 1 77 ? -10.744 7.632   0.305   1.00 48.01 ? 77  ARG A CA  1 
ATOM   606 C  C   . ARG A 1 77 ? -10.689 6.112   0.309   1.00 46.85 ? 77  ARG A C   1 
ATOM   607 O  O   . ARG A 1 77 ? -11.645 5.464   0.750   1.00 47.11 ? 77  ARG A O   1 
ATOM   608 C  CB  . ARG A 1 77 ? -11.017 8.106   -1.106  1.00 48.43 ? 77  ARG A CB  1 
ATOM   609 C  CG  . ARG A 1 77 ? -11.461 9.507   -1.119  1.00 56.09 ? 77  ARG A CG  1 
ATOM   610 C  CD  . ARG A 1 77 ? -11.746 10.061  -2.560  1.00 63.83 ? 77  ARG A CD  1 
ATOM   611 N  NE  . ARG A 1 77 ? -11.617 11.526  -2.511  1.00 69.35 ? 77  ARG A NE  1 
ATOM   612 C  CZ  . ARG A 1 77 ? -10.597 12.249  -3.008  1.00 74.00 ? 77  ARG A CZ  1 
ATOM   613 N  NH1 . ARG A 1 77 ? -9.595  11.699  -3.698  1.00 74.55 ? 77  ARG A NH1 1 
ATOM   614 N  NH2 . ARG A 1 77 ? -10.604 13.567  -2.842  1.00 76.30 ? 77  ARG A NH2 1 
ATOM   615 N  N   . SER A 1 78 ? -9.564  5.546   -0.136  1.00 45.98 ? 78  SER A N   1 
ATOM   616 C  CA  . SER A 1 78 ? -9.438  4.075   -0.162  1.00 45.61 ? 78  SER A CA  1 
ATOM   617 C  C   . SER A 1 78 ? -9.400  3.480   1.202   1.00 45.10 ? 78  SER A C   1 
ATOM   618 O  O   . SER A 1 78 ? -9.855  2.341   1.404   1.00 44.80 ? 78  SER A O   1 
ATOM   619 C  CB  . SER A 1 78 ? -8.213  3.607   -0.958  1.00 45.40 ? 78  SER A CB  1 
ATOM   620 O  OG  . SER A 1 78 ? -8.340  4.023   -2.300  1.00 45.04 ? 78  SER A OG  1 
ATOM   621 N  N   . LEU A 1 79 ? -8.870  4.243   2.152   1.00 45.04 ? 79  LEU A N   1 
ATOM   622 C  CA  . LEU A 1 79 ? -8.739  3.744   3.500   1.00 44.72 ? 79  LEU A CA  1 
ATOM   623 C  C   . LEU A 1 79 ? -10.099 3.622   4.094   1.00 45.73 ? 79  LEU A C   1 
ATOM   624 O  O   . LEU A 1 79 ? -10.411 2.646   4.749   1.00 44.19 ? 79  LEU A O   1 
ATOM   625 C  CB  . LEU A 1 79 ? -7.886  4.719   4.331   1.00 45.37 ? 79  LEU A CB  1 
ATOM   626 C  CG  . LEU A 1 79 ? -7.421  4.297   5.715   1.00 43.44 ? 79  LEU A CG  1 
ATOM   627 C  CD1 . LEU A 1 79 ? -6.673  2.952   5.687   1.00 39.40 ? 79  LEU A CD1 1 
ATOM   628 C  CD2 . LEU A 1 79 ? -6.562  5.422   6.261   1.00 42.59 ? 79  LEU A CD2 1 
ATOM   629 N  N   . ASN A 1 80 ? -10.933 4.621   3.820   1.00 48.04 ? 80  ASN A N   1 
ATOM   630 C  CA  . ASN A 1 80 ? -12.205 4.754   4.538   1.00 49.70 ? 80  ASN A CA  1 
ATOM   631 C  C   . ASN A 1 80 ? -13.399 4.151   3.792   1.00 50.54 ? 80  ASN A C   1 
ATOM   632 O  O   . ASN A 1 80 ? -14.380 3.730   4.409   1.00 50.58 ? 80  ASN A O   1 
ATOM   633 C  CB  . ASN A 1 80 ? -12.439 6.231   4.866   1.00 49.33 ? 80  ASN A CB  1 
ATOM   634 C  CG  . ASN A 1 80 ? -11.472 6.705   5.913   1.00 51.07 ? 80  ASN A CG  1 
ATOM   635 O  OD1 . ASN A 1 80 ? -10.483 7.395   5.625   1.00 52.82 ? 80  ASN A OD1 1 
ATOM   636 N  ND2 . ASN A 1 80 ? -11.675 6.223   7.119   1.00 47.25 ? 80  ASN A ND2 1 
ATOM   637 N  N   . TYR A 1 81 ? -13.301 4.116   2.481   1.00 51.07 ? 81  TYR A N   1 
ATOM   638 C  CA  . TYR A 1 81 ? -14.414 3.702   1.667   1.00 52.81 ? 81  TYR A CA  1 
ATOM   639 C  C   . TYR A 1 81 ? -13.992 2.592   0.720   1.00 52.08 ? 81  TYR A C   1 
ATOM   640 O  O   . TYR A 1 81 ? -14.414 2.589   -0.401  1.00 53.69 ? 81  TYR A O   1 
ATOM   641 C  CB  . TYR A 1 81 ? -14.948 4.914   0.888   1.00 53.67 ? 81  TYR A CB  1 
ATOM   642 C  CG  . TYR A 1 81 ? -15.327 6.074   1.793   1.00 58.28 ? 81  TYR A CG  1 
ATOM   643 C  CD1 . TYR A 1 81 ? -16.519 6.065   2.503   1.00 61.97 ? 81  TYR A CD1 1 
ATOM   644 C  CD2 . TYR A 1 81 ? -14.466 7.152   1.977   1.00 63.13 ? 81  TYR A CD2 1 
ATOM   645 C  CE1 . TYR A 1 81 ? -16.852 7.102   3.366   1.00 63.29 ? 81  TYR A CE1 1 
ATOM   646 C  CE2 . TYR A 1 81 ? -14.797 8.212   2.839   1.00 64.77 ? 81  TYR A CE2 1 
ATOM   647 C  CZ  . TYR A 1 81 ? -15.992 8.162   3.519   1.00 64.45 ? 81  TYR A CZ  1 
ATOM   648 O  OH  . TYR A 1 81 ? -16.338 9.179   4.342   1.00 66.45 ? 81  TYR A OH  1 
ATOM   649 N  N   . GLY A 1 82 ? -13.169 1.665   1.180   1.00 51.14 ? 82  GLY A N   1 
ATOM   650 C  CA  . GLY A 1 82 ? -12.580 0.668   0.331   1.00 50.54 ? 82  GLY A CA  1 
ATOM   651 C  C   . GLY A 1 82 ? -12.938 -0.688  0.900   1.00 50.47 ? 82  GLY A C   1 
ATOM   652 O  O   . GLY A 1 82 ? -13.988 -0.838  1.506   1.00 50.00 ? 82  GLY A O   1 
ATOM   653 N  N   . ASN A 1 83 ? -12.034 -1.654  0.739   1.00 50.27 ? 83  ASN A N   1 
ATOM   654 C  CA  . ASN A 1 83 ? -12.260 -3.037  1.201   1.00 50.48 ? 83  ASN A CA  1 
ATOM   655 C  C   . ASN A 1 83 ? -11.740 -3.322  2.612   1.00 50.60 ? 83  ASN A C   1 
ATOM   656 O  O   . ASN A 1 83 ? -11.763 -4.452  3.082   1.00 51.01 ? 83  ASN A O   1 
ATOM   657 C  CB  . ASN A 1 83 ? -11.598 -4.046  0.246   1.00 51.08 ? 83  ASN A CB  1 
ATOM   658 C  CG  . ASN A 1 83 ? -11.857 -3.737  -1.237  1.00 52.05 ? 83  ASN A CG  1 
ATOM   659 O  OD1 . ASN A 1 83 ? -10.925 -3.527  -2.010  1.00 57.33 ? 83  ASN A OD1 1 
ATOM   660 N  ND2 . ASN A 1 83 ? -13.109 -3.646  -1.607  1.00 51.24 ? 83  ASN A ND2 1 
ATOM   661 N  N   . ASP A 1 84 ? -11.243 -2.302  3.285   1.00 50.58 ? 84  ASP A N   1 
ATOM   662 C  CA  . ASP A 1 84 ? -10.638 -2.477  4.591   1.00 50.65 ? 84  ASP A CA  1 
ATOM   663 C  C   . ASP A 1 84 ? -9.415  -3.320  4.556   1.00 48.77 ? 84  ASP A C   1 
ATOM   664 O  O   . ASP A 1 84 ? -9.058  -3.883  5.560   1.00 49.65 ? 84  ASP A O   1 
ATOM   665 C  CB  . ASP A 1 84 ? -11.629 -3.045  5.610   1.00 51.60 ? 84  ASP A CB  1 
ATOM   666 C  CG  . ASP A 1 84 ? -12.909 -2.217  5.696   1.00 56.08 ? 84  ASP A CG  1 
ATOM   667 O  OD1 . ASP A 1 84 ? -12.907 -1.016  5.265   1.00 61.44 ? 84  ASP A OD1 1 
ATOM   668 O  OD2 . ASP A 1 84 ? -13.933 -2.778  6.172   1.00 62.11 ? 84  ASP A OD2 1 
ATOM   669 N  N   . GLY A 1 85 ? -8.718  -3.338  3.432   1.00 46.96 ? 85  GLY A N   1 
ATOM   670 C  CA  . GLY A 1 85 ? -7.456  -4.031  3.364   1.00 46.03 ? 85  GLY A CA  1 
ATOM   671 C  C   . GLY A 1 85 ? -6.299  -3.394  4.136   1.00 44.58 ? 85  GLY A C   1 
ATOM   672 O  O   . GLY A 1 85 ? -5.444  -4.090  4.683   1.00 44.78 ? 85  GLY A O   1 
ATOM   673 N  N   . TYR A 1 86 ? -6.198  -2.080  4.118   1.00 43.13 ? 86  TYR A N   1 
ATOM   674 C  CA  . TYR A 1 86 ? -5.092  -1.434  4.855   1.00 42.54 ? 86  TYR A CA  1 
ATOM   675 C  C   . TYR A 1 86 ? -5.229  -1.812  6.324   1.00 43.04 ? 86  TYR A C   1 
ATOM   676 O  O   . TYR A 1 86 ? -4.302  -2.366  6.950   1.00 41.77 ? 86  TYR A O   1 
ATOM   677 C  CB  . TYR A 1 86 ? -5.213  0.058   4.728   1.00 41.78 ? 86  TYR A CB  1 
ATOM   678 C  CG  . TYR A 1 86 ? -4.675  0.656   3.463   1.00 35.63 ? 86  TYR A CG  1 
ATOM   679 C  CD1 . TYR A 1 86 ? -3.365  0.542   3.142   1.00 34.00 ? 86  TYR A CD1 1 
ATOM   680 C  CD2 . TYR A 1 86 ? -5.447  1.468   2.684   1.00 37.01 ? 86  TYR A CD2 1 
ATOM   681 C  CE1 . TYR A 1 86 ? -2.827  1.166   2.035   1.00 34.57 ? 86  TYR A CE1 1 
ATOM   682 C  CE2 . TYR A 1 86 ? -4.931  2.138   1.610   1.00 36.48 ? 86  TYR A CE2 1 
ATOM   683 C  CZ  . TYR A 1 86 ? -3.610  1.964   1.266   1.00 38.03 ? 86  TYR A CZ  1 
ATOM   684 O  OH  . TYR A 1 86 ? -3.078  2.607   0.143   1.00 41.89 ? 86  TYR A OH  1 
ATOM   685 N  N   . ASP A 1 87 ? -6.447  -1.622  6.820   1.00 43.98 ? 87  ASP A N   1 
ATOM   686 C  CA  . ASP A 1 87 ? -6.721  -1.792  8.236   1.00 45.06 ? 87  ASP A CA  1 
ATOM   687 C  C   . ASP A 1 87 ? -6.497  -3.196  8.687   1.00 46.03 ? 87  ASP A C   1 
ATOM   688 O  O   . ASP A 1 87 ? -6.009  -3.446  9.780   1.00 46.52 ? 87  ASP A O   1 
ATOM   689 C  CB  . ASP A 1 87 ? -8.149  -1.353  8.572   1.00 45.62 ? 87  ASP A CB  1 
ATOM   690 C  CG  . ASP A 1 87 ? -8.315  0.171   8.572   1.00 47.08 ? 87  ASP A CG  1 
ATOM   691 O  OD1 . ASP A 1 87 ? -7.412  0.897   9.075   1.00 50.98 ? 87  ASP A OD1 1 
ATOM   692 O  OD2 . ASP A 1 87 ? -9.361  0.645   8.083   1.00 47.31 ? 87  ASP A OD2 1 
ATOM   693 N  N   . ARG A 1 88 ? -6.814  -4.153  7.844   1.00 47.25 ? 88  ARG A N   1 
ATOM   694 C  CA  . ARG A 1 88 ? -6.628  -5.509  8.261   1.00 47.50 ? 88  ARG A CA  1 
ATOM   695 C  C   . ARG A 1 88 ? -5.136  -5.814  8.332   1.00 46.44 ? 88  ARG A C   1 
ATOM   696 O  O   . ARG A 1 88 ? -4.695  -6.467  9.261   1.00 45.58 ? 88  ARG A O   1 
ATOM   697 C  CB  . ARG A 1 88 ? -7.387  -6.418  7.313   1.00 49.41 ? 88  ARG A CB  1 
ATOM   698 C  CG  . ARG A 1 88 ? -7.299  -7.882  7.673   1.00 55.73 ? 88  ARG A CG  1 
ATOM   699 C  CD  . ARG A 1 88 ? -7.150  -8.808  6.448   1.00 63.32 ? 88  ARG A CD  1 
ATOM   700 N  NE  . ARG A 1 88 ? -8.393  -9.416  5.980   1.00 67.95 ? 88  ARG A NE  1 
ATOM   701 C  CZ  . ARG A 1 88 ? -9.046  -10.386 6.632   1.00 75.91 ? 88  ARG A CZ  1 
ATOM   702 N  NH1 . ARG A 1 88 ? -8.634  -10.835 7.834   1.00 78.58 ? 88  ARG A NH1 1 
ATOM   703 N  NH2 . ARG A 1 88 ? -10.145 -10.902 6.101   1.00 77.73 ? 88  ARG A NH2 1 
ATOM   704 N  N   . VAL A 1 89 ? -4.330  -5.324  7.386   1.00 45.67 ? 89  VAL A N   1 
ATOM   705 C  CA  . VAL A 1 89 ? -2.854  -5.481  7.502   1.00 45.20 ? 89  VAL A CA  1 
ATOM   706 C  C   . VAL A 1 89 ? -2.349  -4.777  8.823   1.00 44.50 ? 89  VAL A C   1 
ATOM   707 O  O   . VAL A 1 89 ? -1.581  -5.339  9.585   1.00 43.10 ? 89  VAL A O   1 
ATOM   708 C  CB  . VAL A 1 89 ? -2.092  -4.879  6.286   1.00 45.13 ? 89  VAL A CB  1 
ATOM   709 C  CG1 . VAL A 1 89 ? -0.570  -4.915  6.525   1.00 45.48 ? 89  VAL A CG1 1 
ATOM   710 C  CG2 . VAL A 1 89 ? -2.409  -5.640  5.079   1.00 46.21 ? 89  VAL A CG2 1 
ATOM   711 N  N   . PHE A 1 90 ? -2.795  -3.552  9.077   1.00 45.08 ? 90  PHE A N   1 
ATOM   712 C  CA  . PHE A 1 90 ? -2.277  -2.796  10.252  1.00 45.06 ? 90  PHE A CA  1 
ATOM   713 C  C   . PHE A 1 90 ? -2.586  -3.559  11.534  1.00 46.21 ? 90  PHE A C   1 
ATOM   714 O  O   . PHE A 1 90 ? -1.699  -3.716  12.372  1.00 46.10 ? 90  PHE A O   1 
ATOM   715 C  CB  . PHE A 1 90 ? -2.902  -1.434  10.378  1.00 44.09 ? 90  PHE A CB  1 
ATOM   716 C  CG  . PHE A 1 90 ? -2.643  -0.533  9.233   1.00 41.27 ? 90  PHE A CG  1 
ATOM   717 C  CD1 . PHE A 1 90 ? -1.491  -0.617  8.506   1.00 40.87 ? 90  PHE A CD1 1 
ATOM   718 C  CD2 . PHE A 1 90 ? -3.566  0.426   8.914   1.00 40.92 ? 90  PHE A CD2 1 
ATOM   719 C  CE1 . PHE A 1 90 ? -1.263  0.238   7.437   1.00 38.36 ? 90  PHE A CE1 1 
ATOM   720 C  CE2 . PHE A 1 90 ? -3.355  1.296   7.843   1.00 41.69 ? 90  PHE A CE2 1 
ATOM   721 C  CZ  . PHE A 1 90 ? -2.201  1.187   7.102   1.00 39.78 ? 90  PHE A CZ  1 
ATOM   722 N  N   . GLU A 1 91 ? -3.811  -4.069  11.644  1.00 47.37 ? 91  GLU A N   1 
ATOM   723 C  CA  . GLU A 1 91 ? -4.174  -4.916  12.780  1.00 49.93 ? 91  GLU A CA  1 
ATOM   724 C  C   . GLU A 1 91 ? -3.337  -6.144  12.811  1.00 48.93 ? 91  GLU A C   1 
ATOM   725 O  O   . GLU A 1 91 ? -2.789  -6.482  13.836  1.00 48.99 ? 91  GLU A O   1 
ATOM   726 C  CB  . GLU A 1 91 ? -5.660  -5.303  12.755  1.00 51.23 ? 91  GLU A CB  1 
ATOM   727 C  CG  . GLU A 1 91 ? -6.136  -6.315  13.870  1.00 58.16 ? 91  GLU A CG  1 
ATOM   728 C  CD  . GLU A 1 91 ? -6.064  -5.754  15.357  1.00 69.27 ? 91  GLU A CD  1 
ATOM   729 O  OE1 . GLU A 1 91 ? -5.841  -4.504  15.564  1.00 74.33 ? 91  GLU A OE1 1 
ATOM   730 O  OE2 . GLU A 1 91 ? -6.229  -6.580  16.336  1.00 75.02 ? 91  GLU A OE2 1 
ATOM   731 N  N   . ARG A 1 92 ? -3.199  -6.826  11.686  1.00 49.05 ? 92  ARG A N   1 
ATOM   732 C  CA  . ARG A 1 92 ? -2.477  -8.096  11.709  1.00 48.94 ? 92  ARG A CA  1 
ATOM   733 C  C   . ARG A 1 92 ? -1.005  -7.939  12.056  1.00 48.13 ? 92  ARG A C   1 
ATOM   734 O  O   . ARG A 1 92 ? -0.466  -8.741  12.791  1.00 47.96 ? 92  ARG A O   1 
ATOM   735 C  CB  . ARG A 1 92 ? -2.626  -8.834  10.374  1.00 49.37 ? 92  ARG A CB  1 
ATOM   736 C  CG  . ARG A 1 92 ? -1.806  -10.152 10.251  1.00 51.22 ? 92  ARG A CG  1 
ATOM   737 C  CD  . ARG A 1 92 ? -2.059  -10.829 8.904   1.00 54.67 ? 92  ARG A CD  1 
ATOM   738 N  NE  . ARG A 1 92 ? -3.478  -11.151 8.762   1.00 56.20 ? 92  ARG A NE  1 
ATOM   739 C  CZ  . ARG A 1 92 ? -4.065  -11.505 7.634   1.00 56.05 ? 92  ARG A CZ  1 
ATOM   740 N  NH1 . ARG A 1 92 ? -3.362  -11.587 6.527   1.00 57.35 ? 92  ARG A NH1 1 
ATOM   741 N  NH2 . ARG A 1 92 ? -5.358  -11.800 7.638   1.00 55.73 ? 92  ARG A NH2 1 
ATOM   742 N  N   . LEU A 1 93 ? -0.352  -6.938  11.502  1.00 48.58 ? 93  LEU A N   1 
ATOM   743 C  CA  . LEU A 1 93 ? 1.077   -6.756  11.680  1.00 49.05 ? 93  LEU A CA  1 
ATOM   744 C  C   . LEU A 1 93 ? 1.444   -5.832  12.920  1.00 50.54 ? 93  LEU A C   1 
ATOM   745 O  O   . LEU A 1 93 ? 2.633   -5.539  13.186  1.00 49.85 ? 93  LEU A O   1 
ATOM   746 C  CB  . LEU A 1 93 ? 1.671   -6.190  10.389  1.00 48.29 ? 93  LEU A CB  1 
ATOM   747 C  CG  . LEU A 1 93 ? 1.788   -7.075  9.126   1.00 48.31 ? 93  LEU A CG  1 
ATOM   748 C  CD1 . LEU A 1 93 ? 2.731   -6.370  8.073   1.00 45.24 ? 93  LEU A CD1 1 
ATOM   749 C  CD2 . LEU A 1 93 ? 2.271   -8.484  9.481   1.00 44.55 ? 93  LEU A CD2 1 
ATOM   750 N  N   . GLY A 1 94 ? 0.427   -5.413  13.671  1.00 51.57 ? 94  GLY A N   1 
ATOM   751 C  CA  . GLY A 1 94 ? 0.601   -4.598  14.873  1.00 51.60 ? 94  GLY A CA  1 
ATOM   752 C  C   . GLY A 1 94 ? 1.367   -3.328  14.558  1.00 51.95 ? 94  GLY A C   1 
ATOM   753 O  O   . GLY A 1 94 ? 2.265   -2.952  15.293  1.00 52.19 ? 94  GLY A O   1 
ATOM   754 N  N   . MET A 1 95 ? 1.013   -2.668  13.472  1.00 52.31 ? 95  MET A N   1 
ATOM   755 C  CA  . MET A 1 95 ? 1.870   -1.644  12.876  1.00 52.58 ? 95  MET A CA  1 
ATOM   756 C  C   . MET A 1 95 ? 1.643   -0.257  13.417  1.00 54.16 ? 95  MET A C   1 
ATOM   757 O  O   . MET A 1 95 ? 2.512   0.609   13.249  1.00 53.41 ? 95  MET A O   1 
ATOM   758 C  CB  . MET A 1 95 ? 1.692   -1.573  11.343  1.00 51.81 ? 95  MET A CB  1 
ATOM   759 C  CG  . MET A 1 95 ? 2.656   -2.485  10.601  1.00 51.86 ? 95  MET A CG  1 
ATOM   760 S  SD  . MET A 1 95 ? 2.602   -2.515  8.773   1.00 41.99 ? 95  MET A SD  1 
ATOM   761 C  CE  . MET A 1 95 ? 4.116   -3.431  8.450   1.00 43.08 ? 95  MET A CE  1 
ATOM   762 N  N   . LEU A 1 96 ? 0.472   -0.004  13.984  1.00 55.91 ? 96  LEU A N   1 
ATOM   763 C  CA  . LEU A 1 96 ? 0.128   1.366   14.297  1.00 58.19 ? 96  LEU A CA  1 
ATOM   764 C  C   . LEU A 1 96 ? 0.858   1.794   15.575  1.00 61.57 ? 96  LEU A C   1 
ATOM   765 O  O   . LEU A 1 96 ? 0.704   1.165   16.619  1.00 60.13 ? 96  LEU A O   1 
ATOM   766 C  CB  . LEU A 1 96 ? -1.369  1.549   14.446  1.00 56.85 ? 96  LEU A CB  1 
ATOM   767 C  CG  . LEU A 1 96 ? -2.157  1.407   13.147  1.00 56.18 ? 96  LEU A CG  1 
ATOM   768 C  CD1 . LEU A 1 96 ? -3.595  1.762   13.417  1.00 52.44 ? 96  LEU A CD1 1 
ATOM   769 C  CD2 . LEU A 1 96 ? -1.613  2.255   11.982  1.00 53.92 ? 96  LEU A CD2 1 
ATOM   770 N  N   . GLU A 1 97 ? 1.671   2.846   15.445  1.00 66.29 ? 97  GLU A N   1 
ATOM   771 C  CA  . GLU A 1 97 ? 2.284   3.519   16.599  1.00 70.72 ? 97  GLU A CA  1 
ATOM   772 C  C   . GLU A 1 97 ? 1.210   3.886   17.648  1.00 72.85 ? 97  GLU A C   1 
ATOM   773 O  O   . GLU A 1 97 ? 0.350   4.768   17.394  1.00 73.54 ? 97  GLU A O   1 
ATOM   774 C  CB  . GLU A 1 97 ? 3.007   4.806   16.174  1.00 71.41 ? 97  GLU A CB  1 
ATOM   775 C  CG  . GLU A 1 97 ? 4.485   4.617   15.822  1.00 75.98 ? 97  GLU A CG  1 
ATOM   776 C  CD  . GLU A 1 97 ? 5.449   5.146   16.919  1.00 81.10 ? 97  GLU A CD  1 
ATOM   777 O  OE1 . GLU A 1 97 ? 5.295   4.729   18.103  1.00 85.85 ? 97  GLU A OE1 1 
ATOM   778 O  OE2 . GLU A 1 97 ? 6.363   5.965   16.599  1.00 83.51 ? 97  GLU A OE2 1 
ATOM   779 N  N   . LYS A 1 98 ? 1.277   3.186   18.796  1.00 75.15 ? 98  LYS A N   1 
ATOM   780 C  CA  . LYS A 1 98 ? 0.469   3.476   19.998  1.00 76.76 ? 98  LYS A CA  1 
ATOM   781 C  C   . LYS A 1 98 ? 1.059   4.662   20.805  1.00 76.82 ? 98  LYS A C   1 
ATOM   782 O  O   . LYS A 1 98 ? 0.818   5.845   20.490  1.00 77.04 ? 98  LYS A O   1 
ATOM   783 C  CB  . LYS A 1 98 ? 0.396   2.214   20.882  1.00 77.62 ? 98  LYS A CB  1 
ATOM   784 C  CG  . LYS A 1 98 ? -0.795  1.271   20.584  1.00 80.11 ? 98  LYS A CG  1 
ATOM   785 C  CD  . LYS A 1 98 ? -1.966  1.524   21.575  1.00 82.37 ? 98  LYS A CD  1 
ATOM   786 C  CE  . LYS A 1 98 ? -3.249  0.747   21.191  1.00 83.85 ? 98  LYS A CE  1 
ATOM   787 N  NZ  . LYS A 1 98 ? -3.105  -0.754  21.209  1.00 84.73 ? 98  LYS A NZ  1 
HETATM 788 MG MG  . MG  B 2 .  ? -0.605  8.686   -5.956  1.00 65.38 ? 105 MG  A MG  1 
HETATM 789 MG MG  . MG  C 2 .  ? -10.215 -14.900 -18.058 1.00 63.78 ? 106 MG  A MG  1 
HETATM 790 MG MG  . MG  D 2 .  ? 8.228   5.258   -14.338 1.00 69.75 ? 107 MG  A MG  1 
HETATM 791 O  O   . HOH E 3 .  ? -1.055  -12.640 -15.009 1.00 38.61 ? 108 HOH A O   1 
HETATM 792 O  O   . HOH E 3 .  ? -7.008  -13.508 -18.146 1.00 46.40 ? 109 HOH A O   1 
HETATM 793 O  O   . HOH E 3 .  ? 12.895  1.399   -13.179 1.00 50.41 ? 110 HOH A O   1 
HETATM 794 O  O   . HOH E 3 .  ? -8.610  -0.208  5.357   1.00 50.80 ? 111 HOH A O   1 
HETATM 795 O  O   . HOH E 3 .  ? -0.873  -14.946 -16.459 1.00 38.32 ? 112 HOH A O   1 
HETATM 796 O  O   . HOH E 3 .  ? 6.820   6.939   1.771   1.00 48.21 ? 113 HOH A O   1 
HETATM 797 O  O   . HOH E 3 .  ? 11.100  4.185   -12.214 1.00 53.69 ? 114 HOH A O   1 
HETATM 798 O  O   . HOH E 3 .  ? 0.253   15.149  13.233  1.00 52.07 ? 115 HOH A O   1 
HETATM 799 O  O   . HOH E 3 .  ? 0.436   -18.428 -4.413  1.00 43.70 ? 116 HOH A O   1 
HETATM 800 O  O   . HOH E 3 .  ? -9.480  0.352   2.786   1.00 46.39 ? 117 HOH A O   1 
HETATM 801 O  O   . HOH E 3 .  ? -2.091  19.652  8.577   1.00 42.53 ? 118 HOH A O   1 
HETATM 802 O  O   . HOH E 3 .  ? 14.184  -14.304 -6.357  1.00 60.11 ? 119 HOH A O   1 
HETATM 803 O  O   . HOH E 3 .  ? -4.675  3.883   -1.424  1.00 48.00 ? 120 HOH A O   1 
HETATM 804 O  O   . HOH E 3 .  ? -1.613  -1.685  14.622  1.00 58.57 ? 121 HOH A O   1 
HETATM 805 O  O   . HOH E 3 .  ? 4.102   17.000  0.038   1.00 52.46 ? 122 HOH A O   1 
HETATM 806 O  O   . HOH E 3 .  ? 5.982   -19.979 -1.114  1.00 56.01 ? 123 HOH A O   1 
HETATM 807 O  O   . HOH E 3 .  ? 2.166   12.261  -3.707  1.00 55.44 ? 124 HOH A O   1 
HETATM 808 O  O   . HOH E 3 .  ? -4.254  -18.336 -16.793 1.00 61.71 ? 125 HOH A O   1 
HETATM 809 O  O   . HOH E 3 .  ? -4.696  5.997   -3.253  1.00 51.89 ? 126 HOH A O   1 
HETATM 810 O  O   . HOH E 3 .  ? -7.325  2.181   -4.926  1.00 56.23 ? 127 HOH A O   1 
HETATM 811 O  O   . HOH E 3 .  ? -10.303 11.922  1.184   1.00 54.09 ? 128 HOH A O   1 
HETATM 812 O  O   . HOH E 3 .  ? -6.146  -8.164  10.770  1.00 54.03 ? 129 HOH A O   1 
HETATM 813 O  O   . HOH E 3 .  ? 11.580  -13.683 -6.391  1.00 59.33 ? 130 HOH A O   1 
HETATM 814 O  O   . HOH E 3 .  ? -7.202  -11.219 10.118  1.00 61.56 ? 131 HOH A O   1 
HETATM 815 O  O   . HOH E 3 .  ? 6.345   14.404  9.907   1.00 57.21 ? 132 HOH A O   1 
HETATM 816 O  O   . HOH E 3 .  ? -6.851  -9.837  -16.934 1.00 51.69 ? 133 HOH A O   1 
HETATM 817 O  O   . HOH E 3 .  ? -5.365  11.309  10.555  1.00 52.24 ? 134 HOH A O   1 
HETATM 818 O  O   . HOH E 3 .  ? 8.128   5.346   -0.096  1.00 59.99 ? 135 HOH A O   1 
HETATM 819 O  O   . HOH E 3 .  ? 2.093   7.787   -4.256  1.00 55.56 ? 136 HOH A O   1 
HETATM 820 O  O   . HOH E 3 .  ? 14.742  -6.508  -12.369 1.00 61.11 ? 137 HOH A O   1 
HETATM 821 O  O   . HOH E 3 .  ? 0.539   19.201  -1.672  1.00 71.44 ? 138 HOH A O   1 
HETATM 822 O  O   . HOH E 3 .  ? 2.039   -18.935 -0.140  1.00 45.82 ? 139 HOH A O   1 
HETATM 823 O  O   . HOH E 3 .  ? 11.523  -23.077 -3.281  1.00 70.16 ? 140 HOH A O   1 
HETATM 824 O  O   . HOH E 3 .  ? 6.896   7.589   -7.337  1.00 55.56 ? 141 HOH A O   1 
HETATM 825 O  O   . HOH E 3 .  ? 3.929   -21.011 -3.142  1.00 55.75 ? 142 HOH A O   1 
HETATM 826 O  O   . HOH E 3 .  ? 3.146   -0.987  16.464  1.00 67.70 ? 143 HOH A O   1 
HETATM 827 O  O   . HOH E 3 .  ? -3.173  -15.916 -17.403 1.00 49.50 ? 144 HOH A O   1 
HETATM 828 O  O   . HOH E 3 .  ? -8.663  8.664   8.035   1.00 61.10 ? 145 HOH A O   1 
HETATM 829 O  O   . HOH E 3 .  ? 5.664   5.875   8.923   1.00 63.22 ? 146 HOH A O   1 
HETATM 830 O  O   . HOH E 3 .  ? 6.478   8.081   -4.561  1.00 64.50 ? 147 HOH A O   1 
HETATM 831 O  O   . HOH E 3 .  ? 12.313  -1.719  -11.115 1.00 62.94 ? 148 HOH A O   1 
HETATM 832 O  O   . HOH E 3 .  ? -12.142 -17.714 -8.960  1.00 63.30 ? 149 HOH A O   1 
HETATM 833 O  O   . HOH E 3 .  ? -6.078  -19.034 -8.252  1.00 44.24 ? 150 HOH A O   1 
HETATM 834 O  O   . HOH E 3 .  ? 16.621  -7.032  -6.036  1.00 54.98 ? 151 HOH A O   1 
HETATM 835 O  O   . HOH E 3 .  ? 9.626   17.425  6.610   1.00 78.82 ? 152 HOH A O   1 
HETATM 836 O  O   . HOH E 3 .  ? -10.161 -16.851 -12.943 1.00 65.64 ? 153 HOH A O   1 
HETATM 837 O  O   . HOH E 3 .  ? -8.362  -7.175  11.498  1.00 64.27 ? 154 HOH A O   1 
HETATM 838 O  O   . HOH E 3 .  ? -6.226  0.627   11.431  1.00 64.73 ? 155 HOH A O   1 
HETATM 839 O  O   . HOH E 3 .  ? 10.116  -22.409 -1.726  1.00 88.56 ? 156 HOH A O   1 
HETATM 840 O  O   . HOH E 3 .  ? -7.732  2.526   13.041  1.00 60.79 ? 157 HOH A O   1 
HETATM 841 O  O   . HOH E 3 .  ? -13.514 -16.701 -12.531 1.00 69.11 ? 158 HOH A O   1 
HETATM 842 O  O   . HOH E 3 .  ? 4.484   5.473   11.894  1.00 72.86 ? 159 HOH A O   1 
HETATM 843 O  O   . HOH E 3 .  ? -12.033 0.682   3.521   1.00 58.45 ? 160 HOH A O   1 
HETATM 844 O  O   . HOH E 3 .  ? 4.235   19.161  5.055   1.00 70.97 ? 161 HOH A O   1 
HETATM 845 O  O   . HOH E 3 .  ? -10.571 1.659   12.778  1.00 73.66 ? 162 HOH A O   1 
HETATM 846 O  O   . HOH E 3 .  ? -8.135  7.747   10.392  1.00 62.74 ? 163 HOH A O   1 
HETATM 847 O  O   . HOH E 3 .  ? 16.761  -7.627  -0.525  1.00 61.70 ? 164 HOH A O   1 
HETATM 848 O  O   . HOH E 3 .  ? -1.814  18.322  -3.349  1.00 75.02 ? 165 HOH A O   1 
HETATM 849 O  O   . HOH E 3 .  ? -15.521 -8.847  -5.139  1.00 76.24 ? 166 HOH A O   1 
# 
